data_4UVC
#
_entry.id   4UVC
#
_cell.length_a   118.960
_cell.length_b   179.090
_cell.length_c   234.800
_cell.angle_alpha   90.00
_cell.angle_beta   90.00
_cell.angle_gamma   90.00
#
_symmetry.space_group_name_H-M   'I 2 2 2'
#
loop_
_entity.id
_entity.type
_entity.pdbx_description
1 polymer 'LYSINE-SPECIFIC HISTONE DEMETHYLASE 1A'
2 polymer 'REST COREPRESSOR 1'
3 non-polymer '[[(2R,3S,4R,5R)-5-(6-aminopurin-9-yl)-3,4-bis(oxidanyl)oxolan-2-yl]methoxy-oxidanyl-phosphoryl] [(2R,3S,4S)-5-[5-[(1S)-1-azanyl-1,3-diphenyl-propyl]-7,8-dimethyl-2,4-bis(oxidanylidene)-4aH-benzo[g]pteridin-10-yl]-2,3,4-tris(oxidanyl)pentyl] hydrogen phosphate'
#
loop_
_entity_poly.entity_id
_entity_poly.type
_entity_poly.pdbx_seq_one_letter_code
_entity_poly.pdbx_strand_id
1 'polypeptide(L)'
;MLSGKKAAAAAAAAAAAATGTEAGPGTAGGSENGSEVAAQPAGLSGPAEVGPGAVGERTPRKKEPPRASPPGGLAEPPGS
AGPQAGPTVVPGSATPMETGIAETPEGRRTSRRKRAKVEYREMDESLANLSEDEYYSEEERNAKAEKEKKLPPPPPQAPP
EEENESEPEEPSGQAGGLQDDSSGGYGDGQPSGVEGAAFQSRLPHDRMTSQEAACFPDIISGPQQTQKVFLFIRNRTLQL
WLDNPKIQLTFEATLQQLEAPYNSDTVLVHRVHSYLERHGLINFGIYKRIKPLPTKKTGKVIIIGSGVSGLAAARQLQSF
GMDVTLLEARDRVGGRVATFRKGNYVADLGAMVVTGLGGNPMAVVSKQVNMELAKIKQKCPLYEANGQAVPKEKDEMVEQ
EFNRLLEATSYLSHQLDFNVLNNKPVSLGQALEVVIQLQEKHVKDEQIEHWKKIVKTQEELKELLNKMVNLKEKIKELHQ
QYKEASEVKPPRDITAEFLVKSKHRDLTALCKEYDELAETQGKLEEKLQELEANPPSDVYLSSRDRQILDWHFANLEFAN
ATPLSTLSLKHWDQDDDFEFTGSHLTVRNGYSCVPVALAEGLDIKLNTAVRQVRYTASGCEVIAVNTRSTSQTFIYKCDA
VLCTLPLGVLKQQPPAVQFVPPLPEWKTSAVQRMGFGNLNKVVLCFDRVFWDPSVNLFGHVGSTTASRGELFLFWNLYKA
PILLALVAGEAAGIMENISDDVIVGRCLAILKGIFGSSAVPQPKETVVSRWRADPWARGSYSYVAAGSSGNDYDLMAQPI
TPGPSIPGAPQPIPRLFFAGEHTIRNYPATVHGALLSGLREAGRIADQFLGAMYTLPRQATPGVPAQQSPSM
;
A
2 'polypeptide(L)'
;MVEKGPEVSGKRRGRNNAAASASAAAASAAASAACASPAATAASGAAASSASAAAASAAAAPNNGQNKSLAAAAPNGNSS
SNSWEEGSSGSSSDEEHGGGGMRVGPQYQAVVPDFDPAKLARRSQERDNLGMLVWSPNQNLSEAKLDEYIAIAKEKHGYN
MEQALGMLFWHKHNIEKSLADLPNFTPFPDEWTVEDKVLFEQAFSFHGKTFHRIQQMLPDKSIASLVKFYYSWKKTRTKT
SVMDRHARKQKREREESEDELEEANGNNPIDIEVDQNKESKKEVPPTETVPQVKKEKHSTQAKNRAKRKPPKGMFLSQED
VEAVSANATAATTVLRQLDMELVSVKRQIQNIKQTNSALKEKLDGGIEPYRLPEVIQKCNARWTTEEQLLAVQAIRKYGR
DFQAISDVIGNKSVVQVKNFFVNYRRRFNIDEVLQEWEAEHGKEETNGPSNQKPVKSPDNSIKMPEEEDEAPVLDVRYAS
AS
;
B
#
loop_
_chem_comp.id
_chem_comp.type
_chem_comp.name
_chem_comp.formula
D52 non-polymer '[[(2R,3S,4R,5R)-5-(6-aminopurin-9-yl)-3,4-bis(oxidanyl)oxolan-2-yl]methoxy-oxidanyl-phosphoryl] [(2R,3S,4S)-5-[5-[(1S)-1-azanyl-1,3-diphenyl-propyl]-7,8-dimethyl-2,4-bis(oxidanylidene)-4aH-benzo[g]pteridin-10-yl]-2,3,4-tris(oxidanyl)pentyl] hydrogen phosphate' 'C42 H50 N10 O15 P2'
#
# COMPACT_ATOMS: atom_id res chain seq x y z
N PRO A 191 3.55 -26.71 8.04
CA PRO A 191 4.34 -27.93 7.90
C PRO A 191 4.49 -28.73 9.21
N SER A 192 4.76 -30.03 9.10
CA SER A 192 5.01 -30.90 10.26
C SER A 192 6.02 -32.03 9.97
N GLY A 193 6.46 -32.69 11.04
CA GLY A 193 7.46 -33.75 10.95
C GLY A 193 8.86 -33.21 11.10
N VAL A 194 9.80 -33.81 10.39
CA VAL A 194 11.19 -33.34 10.38
C VAL A 194 11.29 -32.00 9.67
N GLU A 195 10.54 -31.87 8.58
CA GLU A 195 10.55 -30.65 7.75
C GLU A 195 9.87 -29.49 8.45
N GLY A 196 8.99 -29.80 9.39
CA GLY A 196 8.29 -28.80 10.19
C GLY A 196 9.27 -28.09 11.09
N ALA A 197 10.13 -28.88 11.73
CA ALA A 197 11.20 -28.39 12.58
C ALA A 197 12.13 -27.42 11.84
N ALA A 198 12.47 -27.75 10.60
CA ALA A 198 13.31 -26.89 9.77
C ALA A 198 12.65 -25.55 9.52
N PHE A 199 11.38 -25.60 9.12
CA PHE A 199 10.58 -24.40 8.95
C PHE A 199 10.50 -23.63 10.27
N GLN A 200 10.17 -24.32 11.35
CA GLN A 200 10.05 -23.69 12.67
C GLN A 200 11.37 -23.04 13.09
N SER A 201 12.46 -23.46 12.44
CA SER A 201 13.79 -22.89 12.67
C SER A 201 14.24 -21.93 11.56
N ARG A 202 13.29 -21.46 10.75
CA ARG A 202 13.55 -20.51 9.69
C ARG A 202 14.58 -21.03 8.67
N LEU A 203 14.61 -22.35 8.50
CA LEU A 203 15.55 -23.03 7.61
C LEU A 203 14.88 -23.88 6.54
N PRO A 204 15.35 -23.76 5.28
CA PRO A 204 14.86 -24.62 4.18
C PRO A 204 15.15 -26.08 4.48
N HIS A 205 14.09 -26.88 4.59
CA HIS A 205 14.18 -28.30 5.01
C HIS A 205 14.99 -29.16 4.08
N ASP A 206 15.01 -28.78 2.80
CA ASP A 206 15.59 -29.61 1.75
C ASP A 206 16.82 -28.98 1.09
N ARG A 207 17.46 -28.04 1.77
CA ARG A 207 18.62 -27.36 1.20
C ARG A 207 19.56 -26.82 2.29
N MET A 208 20.86 -26.90 2.02
CA MET A 208 21.87 -26.40 2.94
C MET A 208 22.00 -24.89 2.83
N THR A 209 21.96 -24.21 3.97
CA THR A 209 22.10 -22.75 4.01
C THR A 209 23.52 -22.29 3.73
N SER A 210 23.68 -20.98 3.50
CA SER A 210 24.99 -20.41 3.25
C SER A 210 25.96 -20.60 4.43
N GLN A 211 25.42 -20.50 5.64
CA GLN A 211 26.20 -20.69 6.86
C GLN A 211 26.60 -22.15 7.06
N GLU A 212 25.76 -23.05 6.59
CA GLU A 212 26.08 -24.46 6.60
C GLU A 212 27.19 -24.72 5.59
N ALA A 213 27.06 -24.16 4.40
CA ALA A 213 28.12 -24.24 3.41
C ALA A 213 29.48 -23.82 3.97
N ALA A 214 29.47 -22.80 4.83
CA ALA A 214 30.70 -22.33 5.46
C ALA A 214 31.31 -23.38 6.39
N CYS A 215 30.49 -23.91 7.30
CA CYS A 215 30.95 -24.83 8.33
C CYS A 215 31.10 -26.30 7.88
N PHE A 216 30.59 -26.61 6.69
CA PHE A 216 30.62 -27.97 6.18
C PHE A 216 31.02 -27.95 4.70
N PRO A 217 32.12 -27.23 4.37
CA PRO A 217 32.50 -27.03 2.96
C PRO A 217 32.64 -28.34 2.21
N ASP A 218 33.01 -29.40 2.93
CA ASP A 218 33.12 -30.74 2.38
C ASP A 218 31.78 -31.26 1.89
N ILE A 219 30.78 -31.24 2.77
CA ILE A 219 29.47 -31.82 2.49
C ILE A 219 28.76 -31.19 1.28
N ILE A 220 28.67 -29.86 1.28
CA ILE A 220 27.92 -29.15 0.26
C ILE A 220 28.58 -29.24 -1.12
N SER A 221 29.91 -29.25 -1.16
CA SER A 221 30.61 -29.45 -2.42
C SER A 221 30.63 -30.94 -2.73
N GLY A 222 30.17 -31.74 -1.77
CA GLY A 222 30.18 -33.18 -1.89
C GLY A 222 29.08 -33.75 -2.77
N PRO A 223 28.68 -35.01 -2.51
CA PRO A 223 27.66 -35.68 -3.31
C PRO A 223 26.25 -35.52 -2.73
N GLN A 224 25.27 -35.44 -3.63
CA GLN A 224 23.86 -35.21 -3.28
C GLN A 224 23.34 -36.12 -2.17
N GLN A 225 23.84 -37.35 -2.16
CA GLN A 225 23.43 -38.32 -1.15
C GLN A 225 23.87 -37.85 0.24
N THR A 226 25.14 -37.48 0.35
CA THR A 226 25.71 -36.97 1.61
C THR A 226 24.88 -35.80 2.12
N GLN A 227 24.68 -34.80 1.25
CA GLN A 227 23.90 -33.60 1.56
C GLN A 227 22.57 -33.94 2.23
N LYS A 228 21.87 -34.92 1.67
CA LYS A 228 20.56 -35.32 2.18
C LYS A 228 20.66 -36.03 3.52
N VAL A 229 21.75 -36.76 3.74
CA VAL A 229 21.95 -37.41 5.03
C VAL A 229 22.07 -36.29 6.07
N PHE A 230 22.99 -35.38 5.79
CA PHE A 230 23.23 -34.20 6.63
C PHE A 230 21.92 -33.49 6.97
N LEU A 231 21.17 -33.14 5.93
CA LEU A 231 19.97 -32.37 6.08
C LEU A 231 19.04 -33.04 7.08
N PHE A 232 18.82 -34.34 6.91
CA PHE A 232 17.99 -35.10 7.85
C PHE A 232 18.52 -34.98 9.27
N ILE A 233 19.83 -35.12 9.43
CA ILE A 233 20.43 -35.09 10.76
C ILE A 233 20.09 -33.77 11.43
N ARG A 234 20.41 -32.68 10.74
CA ARG A 234 20.10 -31.32 11.17
C ARG A 234 18.62 -31.18 11.56
N ASN A 235 17.74 -31.46 10.60
CA ASN A 235 16.30 -31.38 10.81
C ASN A 235 15.82 -32.22 11.99
N ARG A 236 16.36 -33.44 12.08
CA ARG A 236 16.01 -34.35 13.16
C ARG A 236 16.43 -33.77 14.51
N THR A 237 17.68 -33.31 14.58
CA THR A 237 18.19 -32.75 15.83
C THR A 237 17.35 -31.56 16.28
N LEU A 238 17.01 -30.71 15.31
CA LEU A 238 16.18 -29.54 15.56
C LEU A 238 14.85 -29.98 16.14
N GLN A 239 14.20 -30.91 15.43
CA GLN A 239 12.94 -31.51 15.84
C GLN A 239 12.99 -31.92 17.29
N LEU A 240 14.01 -32.69 17.65
CA LEU A 240 14.21 -33.16 19.00
C LEU A 240 14.22 -32.04 20.01
N TRP A 241 15.08 -31.05 19.78
CA TRP A 241 15.15 -29.88 20.66
C TRP A 241 13.82 -29.22 20.77
N LEU A 242 13.18 -29.02 19.62
CA LEU A 242 11.88 -28.35 19.57
C LEU A 242 10.84 -29.12 20.36
N ASP A 243 10.72 -30.41 20.09
CA ASP A 243 9.73 -31.28 20.75
C ASP A 243 9.74 -31.14 22.27
N ASN A 244 10.88 -30.72 22.80
CA ASN A 244 11.05 -30.60 24.24
C ASN A 244 12.14 -29.58 24.54
N PRO A 245 11.77 -28.28 24.58
CA PRO A 245 12.77 -27.25 24.68
C PRO A 245 12.99 -26.76 26.12
N LYS A 246 12.51 -27.51 27.10
CA LYS A 246 12.71 -27.14 28.50
C LYS A 246 13.92 -27.84 29.16
N ILE A 247 14.50 -28.81 28.44
CA ILE A 247 15.75 -29.46 28.89
C ILE A 247 16.81 -29.46 27.78
N GLN A 248 18.07 -29.31 28.19
CA GLN A 248 19.19 -29.31 27.25
C GLN A 248 19.19 -30.58 26.42
N LEU A 249 19.52 -30.46 25.13
CA LEU A 249 19.72 -31.62 24.30
C LEU A 249 21.21 -31.84 24.01
N THR A 250 21.73 -32.93 24.56
CA THR A 250 23.17 -33.27 24.44
C THR A 250 23.43 -34.09 23.21
N PHE A 251 24.70 -34.24 22.88
CA PHE A 251 25.15 -35.03 21.74
C PHE A 251 24.77 -36.50 21.91
N GLU A 252 24.93 -37.01 23.13
CA GLU A 252 24.57 -38.39 23.47
C GLU A 252 23.07 -38.60 23.31
N ALA A 253 22.28 -37.76 23.97
CA ALA A 253 20.83 -37.80 23.89
C ALA A 253 20.35 -37.73 22.44
N THR A 254 21.15 -37.08 21.59
CA THR A 254 20.80 -36.94 20.18
C THR A 254 21.03 -38.24 19.43
N LEU A 255 22.29 -38.70 19.43
CA LEU A 255 22.70 -39.92 18.75
C LEU A 255 21.86 -41.11 19.20
N GLN A 256 21.47 -41.08 20.48
CA GLN A 256 20.50 -41.99 21.02
C GLN A 256 19.28 -42.17 20.10
N GLN A 257 18.70 -41.06 19.66
CA GLN A 257 17.46 -41.09 18.86
C GLN A 257 17.64 -41.22 17.35
N LEU A 258 18.86 -41.14 16.87
CA LEU A 258 19.13 -41.33 15.45
C LEU A 258 19.13 -42.81 15.05
N GLU A 259 18.85 -43.07 13.77
CA GLU A 259 18.77 -44.44 13.24
C GLU A 259 19.75 -44.66 12.09
N ALA A 260 19.94 -45.92 11.73
CA ALA A 260 20.71 -46.28 10.53
C ALA A 260 19.97 -45.79 9.29
N PRO A 261 20.69 -45.35 8.24
CA PRO A 261 22.16 -45.22 8.13
C PRO A 261 22.73 -43.99 8.84
N TYR A 262 21.84 -43.13 9.34
CA TYR A 262 22.21 -41.81 9.84
C TYR A 262 23.12 -41.85 11.08
N ASN A 263 22.77 -42.68 12.06
CA ASN A 263 23.58 -42.78 13.29
C ASN A 263 24.84 -43.66 13.15
N SER A 264 25.29 -43.86 11.92
CA SER A 264 26.55 -44.57 11.66
C SER A 264 27.74 -43.63 11.83
N ASP A 265 27.78 -42.57 11.04
CA ASP A 265 28.83 -41.58 11.12
C ASP A 265 28.56 -40.66 12.30
N THR A 266 29.28 -40.87 13.39
CA THR A 266 29.03 -40.10 14.60
C THR A 266 29.86 -38.81 14.63
N VAL A 267 30.81 -38.66 13.70
CA VAL A 267 31.50 -37.38 13.59
C VAL A 267 30.61 -36.37 12.86
N LEU A 268 29.80 -36.83 11.92
CA LEU A 268 28.84 -35.96 11.25
C LEU A 268 27.76 -35.53 12.22
N VAL A 269 27.26 -36.48 13.01
CA VAL A 269 26.29 -36.20 14.05
C VAL A 269 26.87 -35.21 15.06
N HIS A 270 28.18 -35.28 15.28
CA HIS A 270 28.81 -34.37 16.25
C HIS A 270 29.00 -33.01 15.67
N ARG A 271 29.52 -32.96 14.44
CA ARG A 271 29.68 -31.71 13.69
C ARG A 271 28.35 -30.94 13.63
N VAL A 272 27.26 -31.66 13.43
CA VAL A 272 25.93 -31.07 13.39
C VAL A 272 25.52 -30.55 14.77
N HIS A 273 25.34 -31.44 15.75
CA HIS A 273 24.84 -31.04 17.08
C HIS A 273 25.62 -29.90 17.64
N SER A 274 26.88 -29.76 17.24
CA SER A 274 27.73 -28.71 17.74
C SER A 274 27.42 -27.39 17.07
N TYR A 275 27.37 -27.40 15.73
CA TYR A 275 27.04 -26.23 14.92
C TYR A 275 25.73 -25.62 15.38
N LEU A 276 24.75 -26.48 15.59
CA LEU A 276 23.42 -26.05 15.97
C LEU A 276 23.42 -25.43 17.34
N GLU A 277 24.24 -25.96 18.22
CA GLU A 277 24.30 -25.49 19.59
C GLU A 277 25.04 -24.16 19.62
N ARG A 278 26.05 -24.07 18.77
CA ARG A 278 26.89 -22.89 18.67
C ARG A 278 26.05 -21.72 18.25
N HIS A 279 25.30 -21.90 17.17
CA HIS A 279 24.54 -20.82 16.61
C HIS A 279 23.14 -20.76 17.11
N GLY A 280 22.96 -21.22 18.34
CA GLY A 280 21.71 -21.05 19.10
C GLY A 280 20.42 -21.50 18.44
N LEU A 281 20.53 -22.51 17.59
CA LEU A 281 19.34 -23.11 16.98
C LEU A 281 18.75 -24.15 17.91
N ILE A 282 19.59 -24.69 18.78
CA ILE A 282 19.18 -25.63 19.83
C ILE A 282 19.84 -25.20 21.13
N ASN A 283 19.23 -25.57 22.25
CA ASN A 283 19.72 -25.17 23.60
C ASN A 283 19.97 -23.67 23.68
N PHE A 284 18.89 -22.91 23.49
CA PHE A 284 18.92 -21.46 23.65
C PHE A 284 17.70 -21.02 24.46
N GLY A 285 17.90 -20.04 25.33
CA GLY A 285 16.80 -19.53 26.16
C GLY A 285 16.93 -19.99 27.58
N ILE A 286 15.84 -20.56 28.13
CA ILE A 286 15.85 -21.03 29.51
C ILE A 286 15.53 -22.52 29.59
N TYR A 287 16.59 -23.32 29.61
CA TYR A 287 16.50 -24.77 29.68
C TYR A 287 17.26 -25.28 30.89
N LYS A 288 17.03 -26.55 31.21
CA LYS A 288 17.71 -27.21 32.31
C LYS A 288 18.96 -27.92 31.80
N ARG A 289 20.09 -27.60 32.41
CA ARG A 289 21.36 -28.15 32.01
C ARG A 289 21.51 -29.56 32.56
N ILE A 290 21.82 -30.51 31.67
CA ILE A 290 22.08 -31.89 32.10
C ILE A 290 23.43 -31.94 32.81
N LYS A 291 24.49 -31.54 32.12
CA LYS A 291 25.81 -31.44 32.72
C LYS A 291 26.14 -29.99 33.10
N PRO A 292 26.19 -29.70 34.42
CA PRO A 292 26.50 -28.34 34.89
C PRO A 292 27.74 -27.71 34.24
N LEU A 293 27.80 -26.39 34.25
CA LEU A 293 28.78 -25.60 33.51
C LEU A 293 30.24 -26.03 33.70
N PRO A 294 31.06 -25.89 32.63
CA PRO A 294 32.52 -26.07 32.72
C PRO A 294 33.11 -25.44 33.98
N THR A 295 34.04 -26.16 34.60
CA THR A 295 34.65 -25.78 35.87
C THR A 295 35.23 -24.36 35.86
N LYS A 296 35.98 -24.02 34.81
CA LYS A 296 36.60 -22.71 34.69
C LYS A 296 36.21 -22.00 33.40
N LYS A 297 36.19 -20.68 33.47
CA LYS A 297 35.75 -19.85 32.36
C LYS A 297 36.89 -19.51 31.40
N THR A 298 36.55 -19.38 30.13
CA THR A 298 37.51 -19.00 29.10
C THR A 298 37.07 -17.70 28.43
N GLY A 299 37.98 -16.73 28.31
CA GLY A 299 37.69 -15.42 27.71
C GLY A 299 36.73 -14.56 28.52
N LYS A 300 36.86 -13.25 28.35
CA LYS A 300 36.01 -12.27 29.07
C LYS A 300 35.33 -11.30 28.11
N VAL A 301 34.01 -11.20 28.24
CA VAL A 301 33.19 -10.37 27.36
C VAL A 301 32.31 -9.39 28.14
N ILE A 302 32.44 -8.12 27.79
CA ILE A 302 31.57 -7.08 28.32
C ILE A 302 30.44 -6.81 27.33
N ILE A 303 29.21 -6.95 27.81
CA ILE A 303 28.00 -6.72 27.01
C ILE A 303 27.31 -5.44 27.40
N ILE A 304 27.14 -4.53 26.44
CA ILE A 304 26.53 -3.25 26.70
C ILE A 304 25.03 -3.29 26.50
N GLY A 305 24.31 -3.17 27.61
CA GLY A 305 22.84 -3.15 27.64
C GLY A 305 22.23 -4.52 27.85
N SER A 306 21.21 -4.58 28.71
CA SER A 306 20.53 -5.86 28.98
C SER A 306 19.11 -5.89 28.42
N GLY A 307 18.95 -5.37 27.20
CA GLY A 307 17.75 -5.61 26.41
C GLY A 307 17.76 -7.08 26.03
N VAL A 308 16.78 -7.52 25.27
CA VAL A 308 16.69 -8.93 24.92
C VAL A 308 17.93 -9.40 24.15
N SER A 309 18.32 -8.68 23.10
CA SER A 309 19.54 -9.04 22.34
C SER A 309 20.71 -9.27 23.30
N GLY A 310 20.95 -8.29 24.17
CA GLY A 310 21.93 -8.41 25.24
C GLY A 310 21.77 -9.74 25.96
N LEU A 311 20.72 -9.84 26.77
CA LEU A 311 20.41 -11.02 27.57
C LEU A 311 20.52 -12.34 26.80
N ALA A 312 19.91 -12.41 25.63
CA ALA A 312 19.99 -13.61 24.80
C ALA A 312 21.44 -14.00 24.57
N ALA A 313 22.24 -13.05 24.08
CA ALA A 313 23.65 -13.29 23.79
C ALA A 313 24.43 -13.69 25.03
N ALA A 314 24.17 -13.02 26.14
CA ALA A 314 24.82 -13.33 27.42
C ALA A 314 24.61 -14.79 27.80
N ARG A 315 23.36 -15.18 27.99
CA ARG A 315 22.99 -16.56 28.30
C ARG A 315 23.80 -17.54 27.49
N GLN A 316 23.90 -17.29 26.18
CA GLN A 316 24.59 -18.18 25.27
C GLN A 316 26.09 -18.22 25.55
N LEU A 317 26.69 -17.05 25.74
CA LEU A 317 28.12 -16.98 25.98
C LEU A 317 28.49 -17.72 27.25
N GLN A 318 27.87 -17.33 28.37
CA GLN A 318 27.97 -18.07 29.62
C GLN A 318 27.64 -19.56 29.45
N SER A 319 26.61 -19.85 28.65
CA SER A 319 26.29 -21.24 28.26
C SER A 319 27.50 -21.94 27.64
N PHE A 320 28.34 -21.19 26.93
CA PHE A 320 29.52 -21.77 26.30
C PHE A 320 30.74 -21.66 27.21
N GLY A 321 30.49 -21.34 28.49
CA GLY A 321 31.55 -21.14 29.47
C GLY A 321 32.46 -19.97 29.13
N MET A 322 31.91 -18.76 29.08
CA MET A 322 32.73 -17.57 28.99
C MET A 322 32.42 -16.68 30.18
N ASP A 323 33.29 -15.73 30.44
CA ASP A 323 33.06 -14.75 31.50
C ASP A 323 32.26 -13.59 30.90
N VAL A 324 31.03 -13.43 31.39
CA VAL A 324 30.13 -12.44 30.85
C VAL A 324 29.62 -11.50 31.93
N THR A 325 29.74 -10.21 31.65
CA THR A 325 29.06 -9.19 32.44
C THR A 325 28.36 -8.18 31.52
N LEU A 326 27.07 -7.95 31.79
CA LEU A 326 26.27 -6.97 31.08
C LEU A 326 26.18 -5.66 31.88
N LEU A 327 26.17 -4.55 31.15
CA LEU A 327 26.15 -3.23 31.75
C LEU A 327 24.91 -2.45 31.32
N GLU A 328 23.99 -2.28 32.24
CA GLU A 328 22.71 -1.66 31.95
C GLU A 328 22.60 -0.30 32.61
N ALA A 329 22.27 0.71 31.81
CA ALA A 329 22.08 2.08 32.30
C ALA A 329 20.82 2.17 33.16
N ARG A 330 19.78 1.45 32.75
CA ARG A 330 18.49 1.44 33.45
C ARG A 330 18.57 0.70 34.78
N ASP A 331 17.53 0.86 35.59
CA ASP A 331 17.42 0.15 36.88
C ASP A 331 16.65 -1.17 36.74
N ARG A 332 16.50 -1.62 35.49
CA ARG A 332 15.77 -2.85 35.18
C ARG A 332 16.35 -3.42 33.91
N VAL A 333 16.08 -4.69 33.65
CA VAL A 333 16.46 -5.33 32.38
C VAL A 333 15.63 -4.85 31.17
N GLY A 334 15.23 -5.77 30.28
CA GLY A 334 14.23 -5.51 29.25
C GLY A 334 14.51 -4.52 28.14
N GLY A 335 15.13 -3.40 28.48
CA GLY A 335 15.29 -2.30 27.55
C GLY A 335 13.92 -1.90 27.05
N ARG A 336 13.77 -1.94 25.73
CA ARG A 336 12.50 -1.62 25.08
C ARG A 336 11.40 -2.66 25.35
N VAL A 337 11.61 -3.54 26.32
CA VAL A 337 10.54 -4.40 26.81
C VAL A 337 10.13 -3.90 28.19
N ALA A 338 9.34 -2.84 28.20
CA ALA A 338 8.87 -2.23 29.43
C ALA A 338 7.45 -2.69 29.76
N THR A 339 7.26 -3.06 31.02
CA THR A 339 5.94 -3.44 31.51
C THR A 339 5.54 -2.61 32.74
N PHE A 340 4.49 -1.83 32.58
CA PHE A 340 3.90 -1.10 33.69
C PHE A 340 3.15 -2.07 34.58
N ARG A 341 3.39 -1.94 35.89
CA ARG A 341 2.74 -2.76 36.89
C ARG A 341 2.44 -1.90 38.11
N LYS A 342 1.17 -1.85 38.48
CA LYS A 342 0.71 -1.15 39.67
C LYS A 342 -0.62 -1.78 40.08
N GLY A 343 -0.67 -2.24 41.32
CA GLY A 343 -1.82 -3.01 41.80
C GLY A 343 -2.02 -4.28 40.98
N ASN A 344 -3.13 -4.34 40.26
CA ASN A 344 -3.46 -5.46 39.39
C ASN A 344 -3.42 -5.06 37.94
N TYR A 345 -3.19 -3.78 37.69
CA TYR A 345 -3.00 -3.27 36.34
C TYR A 345 -1.62 -3.66 35.84
N VAL A 346 -1.58 -4.17 34.62
CA VAL A 346 -0.36 -4.63 33.97
C VAL A 346 -0.47 -4.28 32.49
N ALA A 347 0.43 -3.42 32.00
CA ALA A 347 0.39 -3.05 30.59
C ALA A 347 1.76 -2.70 30.04
N ASP A 348 2.13 -3.31 28.91
CA ASP A 348 3.42 -3.06 28.28
C ASP A 348 3.49 -1.71 27.60
N LEU A 349 4.42 -0.87 28.05
CA LEU A 349 4.69 0.39 27.37
C LEU A 349 5.62 0.19 26.19
N GLY A 350 6.30 -0.95 26.17
CA GLY A 350 7.19 -1.32 25.08
C GLY A 350 6.56 -2.38 24.22
N ALA A 351 7.35 -3.39 23.84
CA ALA A 351 6.88 -4.56 23.06
C ALA A 351 5.67 -5.17 23.79
N MET A 352 4.68 -5.62 23.02
CA MET A 352 3.52 -6.33 23.61
C MET A 352 2.91 -7.45 22.77
N VAL A 353 3.25 -7.51 21.49
CA VAL A 353 2.69 -8.51 20.59
C VAL A 353 3.72 -9.55 20.19
N VAL A 354 3.30 -10.82 20.17
CA VAL A 354 4.10 -11.89 19.58
C VAL A 354 3.50 -12.06 18.19
N THR A 355 4.26 -11.65 17.17
CA THR A 355 3.72 -11.55 15.82
C THR A 355 3.68 -12.88 15.05
N GLY A 356 3.02 -13.88 15.66
CA GLY A 356 2.83 -15.19 15.03
C GLY A 356 3.83 -16.20 15.53
N LEU A 357 3.36 -17.40 15.85
CA LEU A 357 4.25 -18.45 16.37
C LEU A 357 4.92 -19.29 15.27
N GLY A 358 4.57 -19.02 14.02
CA GLY A 358 5.04 -19.84 12.90
C GLY A 358 6.49 -19.61 12.55
N GLY A 359 7.38 -20.34 13.21
CA GLY A 359 8.82 -20.20 13.00
C GLY A 359 9.41 -19.07 13.83
N ASN A 360 8.68 -18.67 14.86
CA ASN A 360 9.10 -17.61 15.74
C ASN A 360 9.92 -18.22 16.87
N PRO A 361 11.20 -17.79 17.00
CA PRO A 361 12.02 -18.24 18.12
C PRO A 361 11.31 -18.01 19.45
N MET A 362 10.43 -17.01 19.49
CA MET A 362 9.70 -16.68 20.70
C MET A 362 8.70 -17.75 21.05
N ALA A 363 8.29 -18.52 20.04
CA ALA A 363 7.47 -19.71 20.24
C ALA A 363 8.13 -20.63 21.25
N VAL A 364 9.42 -20.91 21.02
CA VAL A 364 10.23 -21.72 21.93
C VAL A 364 10.30 -21.09 23.30
N VAL A 365 10.72 -19.82 23.34
CA VAL A 365 10.88 -19.10 24.59
C VAL A 365 9.61 -19.20 25.43
N SER A 366 8.47 -18.97 24.77
CA SER A 366 7.18 -18.93 25.43
C SER A 366 6.78 -20.27 26.02
N LYS A 367 7.35 -21.35 25.51
CA LYS A 367 7.17 -22.67 26.11
C LYS A 367 8.03 -22.79 27.37
N GLN A 368 9.22 -22.21 27.33
CA GLN A 368 10.18 -22.28 28.43
C GLN A 368 9.76 -21.42 29.62
N VAL A 369 9.13 -20.29 29.33
CA VAL A 369 8.63 -19.39 30.37
C VAL A 369 7.12 -19.56 30.45
N ASN A 370 6.57 -19.45 31.65
CA ASN A 370 5.13 -19.36 31.83
C ASN A 370 4.63 -18.05 31.20
N MET A 371 4.14 -18.18 29.97
CA MET A 371 3.68 -17.03 29.20
C MET A 371 2.23 -17.23 28.76
N GLU A 372 1.33 -16.42 29.30
CA GLU A 372 -0.04 -16.46 28.87
C GLU A 372 -0.18 -15.64 27.58
N LEU A 373 -0.35 -16.35 26.47
CA LEU A 373 -0.48 -15.73 25.15
C LEU A 373 -1.93 -15.76 24.66
N ALA A 374 -2.47 -14.59 24.36
CA ALA A 374 -3.86 -14.46 23.88
C ALA A 374 -3.90 -13.92 22.46
N LYS A 375 -4.77 -14.48 21.63
CA LYS A 375 -4.94 -14.04 20.25
C LYS A 375 -5.55 -12.64 20.17
N ILE A 376 -5.46 -12.02 19.00
CA ILE A 376 -5.99 -10.68 18.79
C ILE A 376 -6.95 -10.69 17.60
N LYS A 377 -8.22 -10.39 17.88
CA LYS A 377 -9.22 -10.33 16.83
C LYS A 377 -9.01 -9.06 16.02
N GLN A 378 -8.52 -9.24 14.79
CA GLN A 378 -8.04 -8.12 13.97
C GLN A 378 -9.18 -7.25 13.43
N LYS A 379 -10.39 -7.47 13.94
CA LYS A 379 -11.54 -6.66 13.54
C LYS A 379 -11.51 -5.33 14.28
N CYS A 380 -11.43 -4.23 13.51
CA CYS A 380 -11.27 -2.90 14.08
C CYS A 380 -12.29 -1.90 13.50
N PRO A 381 -13.38 -1.65 14.25
CA PRO A 381 -14.37 -0.62 13.89
C PRO A 381 -13.83 0.79 14.05
N LEU A 382 -14.16 1.66 13.10
CA LEU A 382 -13.67 3.04 13.13
C LEU A 382 -14.75 4.00 13.60
N TYR A 383 -14.35 5.18 14.05
CA TYR A 383 -15.26 6.14 14.64
C TYR A 383 -14.77 7.53 14.35
N GLU A 384 -15.48 8.22 13.45
CA GLU A 384 -15.07 9.56 12.99
C GLU A 384 -14.93 10.61 14.08
N ALA A 385 -14.46 11.78 13.68
CA ALA A 385 -14.25 12.90 14.61
C ALA A 385 -15.50 13.22 15.43
N ASN A 386 -16.67 13.10 14.80
CA ASN A 386 -17.97 13.31 15.47
C ASN A 386 -18.26 12.28 16.57
N GLY A 387 -17.68 11.10 16.44
CA GLY A 387 -17.82 10.05 17.44
C GLY A 387 -18.82 8.98 17.06
N GLN A 388 -19.04 8.81 15.77
CA GLN A 388 -19.97 7.78 15.30
C GLN A 388 -19.28 6.85 14.31
N ALA A 389 -19.67 5.58 14.38
CA ALA A 389 -19.11 4.54 13.51
C ALA A 389 -19.10 4.91 12.03
N VAL A 390 -18.18 4.32 11.28
CA VAL A 390 -18.16 4.51 9.85
C VAL A 390 -18.91 3.33 9.23
N PRO A 391 -19.97 3.61 8.45
CA PRO A 391 -20.80 2.60 7.80
C PRO A 391 -19.98 1.51 7.11
N LYS A 392 -20.31 0.25 7.38
CA LYS A 392 -19.64 -0.91 6.76
C LYS A 392 -19.48 -0.74 5.26
N GLU A 393 -20.37 0.06 4.68
CA GLU A 393 -20.26 0.49 3.28
C GLU A 393 -18.90 1.15 3.01
N LYS A 394 -18.68 2.31 3.62
CA LYS A 394 -17.47 3.10 3.44
C LYS A 394 -16.23 2.41 4.01
N ASP A 395 -16.35 1.99 5.26
CA ASP A 395 -15.29 1.28 5.96
C ASP A 395 -14.50 0.37 5.04
N GLU A 396 -15.23 -0.32 4.16
CA GLU A 396 -14.62 -1.23 3.20
C GLU A 396 -14.16 -0.53 1.93
N MET A 397 -14.96 0.39 1.41
CA MET A 397 -14.62 1.10 0.17
C MET A 397 -13.33 1.90 0.31
N VAL A 398 -13.10 2.43 1.52
CA VAL A 398 -11.89 3.18 1.82
C VAL A 398 -10.70 2.25 1.93
N GLU A 399 -10.82 1.27 2.83
CA GLU A 399 -9.77 0.28 3.07
C GLU A 399 -9.27 -0.33 1.77
N GLN A 400 -10.21 -0.87 0.99
CA GLN A 400 -9.87 -1.47 -0.29
C GLN A 400 -9.12 -0.48 -1.18
N GLU A 401 -9.50 0.78 -1.12
CA GLU A 401 -8.85 1.83 -1.90
C GLU A 401 -7.43 2.05 -1.37
N PHE A 402 -7.30 1.99 -0.05
CA PHE A 402 -6.01 2.05 0.62
C PHE A 402 -5.09 0.97 0.05
N ASN A 403 -5.46 -0.28 0.23
CA ASN A 403 -4.65 -1.41 -0.23
C ASN A 403 -4.25 -1.30 -1.68
N ARG A 404 -5.19 -0.78 -2.47
CA ARG A 404 -4.98 -0.53 -3.89
C ARG A 404 -3.88 0.49 -4.10
N LEU A 405 -3.97 1.59 -3.36
CA LEU A 405 -2.98 2.64 -3.42
C LEU A 405 -1.58 2.15 -3.08
N LEU A 406 -1.48 1.32 -2.05
CA LEU A 406 -0.22 0.69 -1.70
C LEU A 406 0.34 -0.12 -2.85
N GLU A 407 -0.40 -1.15 -3.28
CA GLU A 407 0.00 -1.94 -4.44
C GLU A 407 0.50 -1.05 -5.56
N ALA A 408 -0.21 0.06 -5.78
CA ALA A 408 0.12 1.02 -6.82
C ALA A 408 1.54 1.58 -6.64
N THR A 409 1.88 1.97 -5.42
CA THR A 409 3.23 2.46 -5.13
C THR A 409 4.25 1.40 -5.49
N SER A 410 3.94 0.15 -5.14
CA SER A 410 4.81 -0.98 -5.42
C SER A 410 4.99 -1.21 -6.92
N TYR A 411 3.90 -1.08 -7.67
CA TYR A 411 3.99 -1.09 -9.12
C TYR A 411 4.88 0.06 -9.56
N LEU A 412 4.55 1.25 -9.07
CA LEU A 412 5.26 2.47 -9.42
C LEU A 412 6.75 2.32 -9.20
N SER A 413 7.10 1.58 -8.15
CA SER A 413 8.49 1.40 -7.74
C SER A 413 9.23 0.40 -8.61
N HIS A 414 8.66 -0.80 -8.73
CA HIS A 414 9.33 -1.90 -9.42
C HIS A 414 9.18 -1.83 -10.90
N GLN A 415 7.95 -1.58 -11.37
CA GLN A 415 7.62 -1.62 -12.79
C GLN A 415 7.99 -0.34 -13.54
N LEU A 416 7.74 0.81 -12.93
CA LEU A 416 8.07 2.08 -13.58
C LEU A 416 9.44 2.64 -13.18
N ASP A 417 10.05 2.02 -12.17
CA ASP A 417 11.32 2.47 -11.58
C ASP A 417 11.29 3.94 -11.20
N PHE A 418 10.33 4.29 -10.36
CA PHE A 418 10.19 5.65 -9.88
C PHE A 418 10.83 5.71 -8.51
N ASN A 419 12.16 5.81 -8.46
CA ASN A 419 12.88 5.66 -7.21
C ASN A 419 13.81 6.80 -6.81
N VAL A 420 14.25 7.59 -7.80
CA VAL A 420 15.08 8.76 -7.51
C VAL A 420 14.46 9.99 -8.18
N LEU A 421 14.16 11.02 -7.38
CA LEU A 421 13.58 12.25 -7.90
C LEU A 421 14.30 13.47 -7.35
N ASN A 422 14.87 14.27 -8.25
CA ASN A 422 15.73 15.40 -7.90
C ASN A 422 16.89 14.97 -7.01
N ASN A 423 17.56 13.90 -7.43
CA ASN A 423 18.69 13.27 -6.71
C ASN A 423 18.32 12.57 -5.41
N LYS A 424 17.27 13.05 -4.74
CA LYS A 424 16.82 12.47 -3.47
C LYS A 424 16.02 11.19 -3.70
N PRO A 425 16.23 10.18 -2.83
CA PRO A 425 15.43 8.95 -2.90
C PRO A 425 13.96 9.20 -2.64
N VAL A 426 13.09 8.56 -3.42
CA VAL A 426 11.66 8.72 -3.27
C VAL A 426 11.18 7.99 -2.03
N SER A 427 10.38 8.70 -1.22
CA SER A 427 9.80 8.09 -0.04
C SER A 427 8.45 7.48 -0.40
N LEU A 428 7.94 6.62 0.47
CA LEU A 428 6.62 6.04 0.32
C LEU A 428 5.57 7.13 0.27
N GLY A 429 5.75 8.16 1.10
CA GLY A 429 4.88 9.34 1.14
C GLY A 429 4.72 9.98 -0.22
N GLN A 430 5.81 10.51 -0.77
CA GLN A 430 5.81 11.09 -2.11
C GLN A 430 5.09 10.20 -3.11
N ALA A 431 5.46 8.92 -3.11
CA ALA A 431 4.89 7.93 -4.01
C ALA A 431 3.38 7.81 -3.84
N LEU A 432 2.94 7.75 -2.59
CA LEU A 432 1.50 7.71 -2.30
C LEU A 432 0.76 8.96 -2.74
N GLU A 433 1.44 10.10 -2.63
CA GLU A 433 0.90 11.36 -3.08
C GLU A 433 0.78 11.32 -4.59
N VAL A 434 1.87 11.01 -5.27
CA VAL A 434 1.86 10.96 -6.72
C VAL A 434 0.74 10.06 -7.23
N VAL A 435 0.61 8.87 -6.64
CA VAL A 435 -0.46 7.95 -7.03
C VAL A 435 -1.84 8.59 -6.83
N ILE A 436 -2.06 9.20 -5.67
CA ILE A 436 -3.35 9.83 -5.39
C ILE A 436 -3.67 10.93 -6.40
N GLN A 437 -2.71 11.83 -6.62
CA GLN A 437 -2.86 12.88 -7.63
C GLN A 437 -3.24 12.29 -8.98
N LEU A 438 -2.50 11.27 -9.42
CA LEU A 438 -2.79 10.61 -10.69
C LEU A 438 -4.16 9.96 -10.73
N GLN A 439 -4.67 9.60 -9.54
CA GLN A 439 -6.02 9.06 -9.44
C GLN A 439 -7.05 10.16 -9.54
N GLU A 440 -6.77 11.28 -8.87
CA GLU A 440 -7.60 12.48 -9.01
C GLU A 440 -7.60 13.01 -10.45
N LYS A 441 -6.45 12.92 -11.11
CA LYS A 441 -6.31 13.31 -12.51
C LYS A 441 -7.23 12.49 -13.41
N HIS A 442 -7.14 11.17 -13.27
CA HIS A 442 -8.01 10.28 -14.03
C HIS A 442 -9.48 10.63 -13.87
N VAL A 443 -9.93 10.87 -12.64
CA VAL A 443 -11.33 11.27 -12.41
C VAL A 443 -11.75 12.48 -13.26
N LYS A 444 -10.84 13.44 -13.39
CA LYS A 444 -11.07 14.63 -14.22
C LYS A 444 -10.97 14.30 -15.71
N ASP A 445 -9.94 13.57 -16.10
CA ASP A 445 -9.80 13.08 -17.48
C ASP A 445 -11.09 12.41 -17.97
N GLU A 446 -11.70 11.62 -17.08
CA GLU A 446 -12.97 10.94 -17.36
C GLU A 446 -14.09 11.93 -17.60
N GLN A 447 -14.30 12.81 -16.63
CA GLN A 447 -15.35 13.82 -16.70
C GLN A 447 -15.21 14.68 -17.95
N ILE A 448 -14.02 15.23 -18.15
CA ILE A 448 -13.73 16.05 -19.33
C ILE A 448 -14.19 15.35 -20.61
N GLU A 449 -13.70 14.15 -20.88
CA GLU A 449 -14.02 13.47 -22.14
C GLU A 449 -15.47 12.95 -22.22
N HIS A 450 -16.20 12.97 -21.11
CA HIS A 450 -17.60 12.59 -21.09
C HIS A 450 -18.52 13.73 -21.42
N TRP A 451 -18.22 14.91 -20.88
CA TRP A 451 -18.94 16.12 -21.28
C TRP A 451 -18.57 16.47 -22.70
N LYS A 452 -17.30 16.28 -23.05
CA LYS A 452 -16.82 16.40 -24.43
C LYS A 452 -17.64 15.50 -25.38
N LYS A 453 -18.06 14.34 -24.86
CA LYS A 453 -18.99 13.46 -25.56
C LYS A 453 -20.34 14.14 -25.77
N ILE A 454 -20.82 14.82 -24.75
CA ILE A 454 -22.11 15.48 -24.83
C ILE A 454 -22.09 16.64 -25.84
N VAL A 455 -21.12 17.55 -25.74
CA VAL A 455 -21.02 18.67 -26.69
C VAL A 455 -20.98 18.24 -28.14
N LYS A 456 -20.29 17.15 -28.45
CA LYS A 456 -20.22 16.68 -29.82
C LYS A 456 -21.61 16.26 -30.33
N THR A 457 -22.39 15.64 -29.45
CA THR A 457 -23.76 15.22 -29.78
C THR A 457 -24.71 16.42 -29.80
N GLN A 458 -24.62 17.25 -28.76
CA GLN A 458 -25.39 18.48 -28.69
C GLN A 458 -25.15 19.35 -29.94
N GLU A 459 -23.91 19.41 -30.40
CA GLU A 459 -23.53 20.22 -31.56
C GLU A 459 -23.87 19.53 -32.89
N GLU A 460 -24.10 18.23 -32.83
CA GLU A 460 -24.66 17.49 -33.96
C GLU A 460 -26.14 17.80 -34.08
N LEU A 461 -26.83 17.74 -32.94
CA LEU A 461 -28.25 18.06 -32.85
C LEU A 461 -28.52 19.47 -33.36
N LYS A 462 -27.60 20.39 -33.07
CA LYS A 462 -27.67 21.77 -33.54
C LYS A 462 -27.69 21.84 -35.06
N GLU A 463 -26.68 21.24 -35.70
CA GLU A 463 -26.60 21.21 -37.15
C GLU A 463 -27.87 20.66 -37.81
N LEU A 464 -28.47 19.67 -37.15
CA LEU A 464 -29.69 19.05 -37.64
C LEU A 464 -30.90 19.96 -37.51
N LEU A 465 -31.02 20.65 -36.37
CA LEU A 465 -32.11 21.60 -36.18
C LEU A 465 -32.04 22.72 -37.22
N ASN A 466 -30.84 23.29 -37.39
CA ASN A 466 -30.60 24.28 -38.43
C ASN A 466 -31.05 23.82 -39.79
N LYS A 467 -30.76 22.56 -40.11
CA LYS A 467 -31.20 21.96 -41.35
C LYS A 467 -32.73 21.84 -41.36
N MET A 468 -33.29 21.48 -40.20
CA MET A 468 -34.72 21.27 -40.08
C MET A 468 -35.52 22.55 -40.20
N VAL A 469 -35.05 23.61 -39.54
CA VAL A 469 -35.68 24.93 -39.68
C VAL A 469 -35.65 25.40 -41.14
N ASN A 470 -34.48 25.36 -41.76
CA ASN A 470 -34.32 25.76 -43.16
C ASN A 470 -35.11 24.90 -44.15
N LEU A 471 -35.67 23.80 -43.65
CA LEU A 471 -36.51 22.96 -44.47
C LEU A 471 -37.97 23.34 -44.27
N LYS A 472 -38.42 23.33 -43.01
CA LYS A 472 -39.75 23.85 -42.65
C LYS A 472 -39.93 25.24 -43.26
N GLU A 473 -38.83 25.92 -43.53
CA GLU A 473 -38.86 27.22 -44.20
C GLU A 473 -39.34 27.10 -45.64
N LYS A 474 -38.68 26.24 -46.42
CA LYS A 474 -39.07 26.01 -47.80
C LYS A 474 -40.39 25.25 -47.90
N ILE A 475 -40.58 24.26 -47.01
CA ILE A 475 -41.83 23.51 -46.94
C ILE A 475 -43.03 24.44 -46.77
N LYS A 476 -42.91 25.44 -45.92
CA LYS A 476 -43.92 26.48 -45.77
C LYS A 476 -44.21 27.18 -47.12
N GLU A 477 -43.19 27.82 -47.67
CA GLU A 477 -43.27 28.56 -48.93
C GLU A 477 -43.70 27.69 -50.12
N LEU A 478 -43.22 26.46 -50.16
CA LEU A 478 -43.53 25.54 -51.26
C LEU A 478 -44.99 25.14 -51.22
N HIS A 479 -45.55 25.04 -50.01
CA HIS A 479 -46.95 24.70 -49.83
C HIS A 479 -47.82 25.80 -50.35
N GLN A 480 -47.43 27.03 -50.03
CA GLN A 480 -48.09 28.22 -50.53
C GLN A 480 -48.21 28.18 -52.05
N GLN A 481 -47.10 27.89 -52.72
CA GLN A 481 -47.04 27.85 -54.18
C GLN A 481 -47.98 26.79 -54.75
N TYR A 482 -47.97 25.61 -54.15
CA TYR A 482 -48.89 24.54 -54.54
C TYR A 482 -50.32 24.96 -54.30
N LYS A 483 -50.55 25.65 -53.18
CA LYS A 483 -51.88 26.15 -52.86
C LYS A 483 -52.34 27.12 -53.95
N GLU A 484 -51.50 28.09 -54.30
CA GLU A 484 -51.79 29.03 -55.38
C GLU A 484 -52.03 28.36 -56.72
N ALA A 485 -51.33 27.25 -56.97
CA ALA A 485 -51.48 26.52 -58.21
C ALA A 485 -52.78 25.73 -58.24
N SER A 486 -53.30 25.40 -57.07
CA SER A 486 -54.56 24.66 -56.96
C SER A 486 -55.76 25.59 -57.12
N GLU A 487 -55.58 26.85 -56.73
CA GLU A 487 -56.63 27.87 -56.82
C GLU A 487 -57.01 28.15 -58.28
N VAL A 488 -56.07 27.99 -59.20
CA VAL A 488 -56.33 28.16 -60.64
C VAL A 488 -57.34 27.10 -61.06
N LYS A 489 -58.63 27.42 -60.93
CA LYS A 489 -59.71 26.49 -61.21
C LYS A 489 -59.65 25.95 -62.63
N PRO A 490 -59.87 24.63 -62.80
CA PRO A 490 -59.91 24.00 -64.12
C PRO A 490 -61.13 24.50 -64.91
N PRO A 491 -61.15 24.30 -66.24
CA PRO A 491 -60.22 23.48 -67.03
C PRO A 491 -58.93 24.26 -67.32
N ARG A 492 -57.80 23.63 -67.03
CA ARG A 492 -56.51 24.29 -67.26
C ARG A 492 -55.70 23.57 -68.31
N ASP A 493 -54.89 24.33 -69.04
CA ASP A 493 -54.00 23.74 -70.03
C ASP A 493 -52.94 22.92 -69.31
N ILE A 494 -52.11 22.23 -70.07
CA ILE A 494 -51.24 21.25 -69.46
C ILE A 494 -50.10 21.81 -68.61
N THR A 495 -49.50 22.92 -69.04
CA THR A 495 -48.38 23.50 -68.29
C THR A 495 -48.85 23.93 -66.90
N ALA A 496 -50.06 24.45 -66.82
CA ALA A 496 -50.63 24.84 -65.53
C ALA A 496 -51.09 23.63 -64.70
N GLU A 497 -51.36 22.51 -65.38
CA GLU A 497 -51.70 21.26 -64.69
C GLU A 497 -50.42 20.62 -64.15
N PHE A 498 -49.37 20.68 -64.96
CA PHE A 498 -48.04 20.23 -64.60
C PHE A 498 -47.54 20.92 -63.36
N LEU A 499 -47.74 22.24 -63.30
CA LEU A 499 -47.31 23.03 -62.16
C LEU A 499 -47.88 22.46 -60.86
N VAL A 500 -49.17 22.14 -60.87
CA VAL A 500 -49.81 21.59 -59.68
C VAL A 500 -49.19 20.25 -59.32
N LYS A 501 -49.11 19.36 -60.30
CA LYS A 501 -48.54 18.03 -60.12
C LYS A 501 -47.09 18.10 -59.66
N SER A 502 -46.31 18.94 -60.35
CA SER A 502 -44.94 19.21 -59.99
C SER A 502 -44.84 19.58 -58.52
N LYS A 503 -45.33 20.78 -58.15
CA LYS A 503 -45.24 21.25 -56.77
C LYS A 503 -45.69 20.19 -55.77
N HIS A 504 -46.67 19.38 -56.15
CA HIS A 504 -47.16 18.31 -55.27
C HIS A 504 -46.07 17.33 -54.97
N ARG A 505 -45.47 16.78 -56.03
CA ARG A 505 -44.32 15.90 -55.89
C ARG A 505 -43.25 16.54 -55.01
N ASP A 506 -42.74 17.68 -55.47
CA ASP A 506 -41.71 18.43 -54.75
C ASP A 506 -42.02 18.59 -53.28
N LEU A 507 -43.29 18.81 -52.94
CA LEU A 507 -43.67 19.01 -51.54
C LEU A 507 -43.54 17.74 -50.72
N THR A 508 -44.10 16.64 -51.23
CA THR A 508 -44.04 15.36 -50.52
C THR A 508 -42.58 14.90 -50.39
N ALA A 509 -41.78 15.20 -51.42
CA ALA A 509 -40.34 14.96 -51.40
C ALA A 509 -39.66 15.65 -50.23
N LEU A 510 -39.97 16.93 -50.04
CA LEU A 510 -39.36 17.70 -48.95
C LEU A 510 -39.95 17.31 -47.60
N CYS A 511 -41.18 16.80 -47.61
CA CYS A 511 -41.79 16.29 -46.40
C CYS A 511 -41.20 14.93 -46.02
N LYS A 512 -40.79 14.18 -47.04
CA LYS A 512 -40.08 12.92 -46.84
C LYS A 512 -38.81 13.18 -46.01
N GLU A 513 -38.00 14.15 -46.44
CA GLU A 513 -36.77 14.53 -45.74
C GLU A 513 -37.04 14.93 -44.29
N TYR A 514 -37.91 15.91 -44.08
CA TYR A 514 -38.20 16.43 -42.75
C TYR A 514 -38.63 15.33 -41.79
N ASP A 515 -39.43 14.39 -42.28
CA ASP A 515 -39.82 13.24 -41.47
C ASP A 515 -38.60 12.45 -41.00
N GLU A 516 -37.68 12.18 -41.94
CA GLU A 516 -36.45 11.46 -41.66
C GLU A 516 -35.50 12.23 -40.74
N LEU A 517 -35.47 13.54 -40.88
CA LEU A 517 -34.69 14.40 -40.00
C LEU A 517 -35.31 14.52 -38.61
N ALA A 518 -36.62 14.38 -38.53
CA ALA A 518 -37.30 14.32 -37.24
C ALA A 518 -37.07 12.95 -36.61
N GLU A 519 -36.86 11.94 -37.45
CA GLU A 519 -36.49 10.60 -37.01
C GLU A 519 -35.13 10.65 -36.32
N THR A 520 -34.13 11.15 -37.04
CA THR A 520 -32.77 11.34 -36.52
C THR A 520 -32.79 12.14 -35.21
N GLN A 521 -33.53 13.24 -35.21
CA GLN A 521 -33.66 14.08 -34.02
C GLN A 521 -33.97 13.26 -32.77
N GLY A 522 -35.00 12.42 -32.86
CA GLY A 522 -35.45 11.61 -31.72
C GLY A 522 -34.39 10.68 -31.16
N LYS A 523 -33.53 10.15 -32.05
CA LYS A 523 -32.43 9.29 -31.67
C LYS A 523 -31.33 10.06 -30.93
N LEU A 524 -30.90 11.18 -31.51
CA LEU A 524 -29.87 12.02 -30.91
C LEU A 524 -30.35 12.69 -29.63
N GLU A 525 -31.67 12.85 -29.51
CA GLU A 525 -32.27 13.55 -28.38
C GLU A 525 -32.34 12.66 -27.14
N GLU A 526 -32.44 11.35 -27.37
CA GLU A 526 -32.42 10.39 -26.27
C GLU A 526 -31.00 9.98 -25.93
N LYS A 527 -30.14 9.93 -26.95
CA LYS A 527 -28.71 9.67 -26.76
C LYS A 527 -28.07 10.71 -25.83
N LEU A 528 -28.71 11.87 -25.71
CA LEU A 528 -28.27 12.90 -24.78
C LEU A 528 -28.76 12.67 -23.35
N GLN A 529 -29.94 12.05 -23.21
CA GLN A 529 -30.45 11.66 -21.90
C GLN A 529 -29.74 10.40 -21.42
N GLU A 530 -29.27 9.60 -22.38
CA GLU A 530 -28.40 8.46 -22.12
C GLU A 530 -27.15 8.92 -21.36
N LEU A 531 -26.41 9.85 -21.95
CA LEU A 531 -25.15 10.31 -21.38
C LEU A 531 -25.33 11.14 -20.10
N GLU A 532 -26.45 11.84 -20.01
CA GLU A 532 -26.76 12.61 -18.79
C GLU A 532 -27.40 11.76 -17.70
N ALA A 533 -27.62 10.48 -17.99
CA ALA A 533 -28.13 9.55 -16.99
C ALA A 533 -26.99 8.95 -16.17
N ASN A 534 -25.92 8.57 -16.87
CA ASN A 534 -24.74 7.98 -16.23
C ASN A 534 -23.47 8.81 -16.47
N PRO A 535 -23.20 9.77 -15.57
CA PRO A 535 -21.91 10.46 -15.62
C PRO A 535 -20.82 9.58 -15.01
N PRO A 536 -19.54 9.89 -15.28
CA PRO A 536 -18.50 9.27 -14.46
C PRO A 536 -18.50 9.90 -13.07
N SER A 537 -17.76 9.29 -12.14
CA SER A 537 -17.76 9.70 -10.73
C SER A 537 -17.44 11.17 -10.54
N ASP A 538 -18.14 11.78 -9.59
CA ASP A 538 -18.02 13.20 -9.28
C ASP A 538 -16.60 13.55 -8.78
N VAL A 539 -16.14 12.84 -7.76
CA VAL A 539 -14.82 13.05 -7.12
C VAL A 539 -14.03 11.74 -7.01
N TYR A 540 -12.71 11.86 -6.85
CA TYR A 540 -11.90 10.69 -6.50
C TYR A 540 -12.16 10.27 -5.05
N LEU A 541 -12.02 11.22 -4.12
CA LEU A 541 -12.36 11.01 -2.71
C LEU A 541 -12.91 12.28 -2.09
N SER A 542 -13.93 12.12 -1.25
CA SER A 542 -14.50 13.25 -0.52
C SER A 542 -13.61 13.56 0.68
N SER A 543 -13.89 14.66 1.36
CA SER A 543 -13.18 14.99 2.60
C SER A 543 -13.49 14.00 3.71
N ARG A 544 -14.65 13.37 3.63
CA ARG A 544 -15.02 12.33 4.59
C ARG A 544 -14.22 11.06 4.27
N ASP A 545 -14.09 10.74 2.99
CA ASP A 545 -13.27 9.62 2.53
C ASP A 545 -11.81 9.83 2.92
N ARG A 546 -11.23 10.90 2.40
CA ARG A 546 -9.82 11.24 2.54
C ARG A 546 -9.35 11.27 4.01
N GLN A 547 -10.29 11.46 4.93
CA GLN A 547 -9.99 11.41 6.36
C GLN A 547 -9.86 10.00 6.89
N ILE A 548 -10.74 9.10 6.41
CA ILE A 548 -10.70 7.69 6.80
C ILE A 548 -9.48 7.00 6.16
N LEU A 549 -9.18 7.38 4.92
CA LEU A 549 -7.95 6.94 4.26
C LEU A 549 -6.72 7.33 5.06
N ASP A 550 -6.77 8.51 5.68
CA ASP A 550 -5.71 8.98 6.54
C ASP A 550 -5.52 8.11 7.77
N TRP A 551 -6.61 7.55 8.29
CA TRP A 551 -6.50 6.65 9.44
C TRP A 551 -5.75 5.41 9.08
N HIS A 552 -5.98 4.90 7.88
CA HIS A 552 -5.23 3.77 7.37
C HIS A 552 -3.78 4.12 7.20
N PHE A 553 -3.51 5.29 6.63
CA PHE A 553 -2.14 5.81 6.55
C PHE A 553 -1.48 5.91 7.92
N ALA A 554 -2.22 6.43 8.90
CA ALA A 554 -1.72 6.52 10.26
C ALA A 554 -1.39 5.14 10.79
N ASN A 555 -2.30 4.20 10.58
CA ASN A 555 -2.06 2.81 10.99
C ASN A 555 -0.77 2.23 10.44
N LEU A 556 -0.49 2.51 9.17
CA LEU A 556 0.77 2.12 8.52
C LEU A 556 1.95 2.88 9.10
N GLU A 557 1.73 4.13 9.48
CA GLU A 557 2.75 4.90 10.16
C GLU A 557 3.03 4.33 11.54
N PHE A 558 1.97 3.78 12.16
CA PHE A 558 2.08 3.09 13.43
C PHE A 558 2.92 1.82 13.30
N ALA A 559 2.68 1.07 12.23
CA ALA A 559 3.38 -0.18 11.97
C ALA A 559 4.87 0.02 11.70
N ASN A 560 5.25 1.20 11.21
CA ASN A 560 6.65 1.47 10.92
C ASN A 560 7.26 2.43 11.90
N ALA A 561 6.43 2.86 12.85
CA ALA A 561 6.81 3.91 13.80
C ALA A 561 7.50 5.10 13.11
N THR A 562 6.87 5.65 12.07
CA THR A 562 7.44 6.79 11.36
C THR A 562 6.50 7.37 10.30
N PRO A 563 6.57 8.69 10.09
CA PRO A 563 5.94 9.36 8.93
C PRO A 563 6.30 8.69 7.61
N LEU A 564 5.27 8.38 6.81
CA LEU A 564 5.44 7.63 5.56
C LEU A 564 6.35 8.37 4.58
N SER A 565 6.70 9.60 4.95
CA SER A 565 7.52 10.48 4.15
C SER A 565 8.97 10.20 4.37
N THR A 566 9.26 9.34 5.35
CA THR A 566 10.61 8.98 5.72
C THR A 566 10.97 7.60 5.17
N LEU A 567 9.99 6.69 5.18
CA LEU A 567 10.17 5.31 4.69
C LEU A 567 10.65 5.26 3.25
N SER A 568 11.60 4.37 2.98
CA SER A 568 12.08 4.16 1.62
C SER A 568 10.98 3.54 0.78
N LEU A 569 10.80 4.07 -0.43
CA LEU A 569 9.78 3.53 -1.33
C LEU A 569 10.15 2.10 -1.68
N LYS A 570 11.37 1.90 -2.16
CA LYS A 570 11.81 0.60 -2.66
C LYS A 570 11.90 -0.48 -1.57
N HIS A 571 12.30 -0.08 -0.36
CA HIS A 571 12.75 -1.05 0.62
C HIS A 571 11.95 -1.16 1.88
N TRP A 572 10.99 -0.26 2.05
CA TRP A 572 10.30 -0.15 3.34
C TRP A 572 9.77 -1.45 3.88
N ASP A 573 9.50 -2.40 2.99
CA ASP A 573 8.82 -3.64 3.39
C ASP A 573 9.67 -4.88 3.11
N GLN A 574 10.90 -4.68 2.64
CA GLN A 574 11.82 -5.77 2.27
C GLN A 574 11.81 -7.03 3.16
N ASP A 575 11.46 -6.88 4.42
CA ASP A 575 11.38 -8.00 5.35
C ASP A 575 10.01 -8.71 5.33
N ASP A 576 9.20 -8.44 4.32
CA ASP A 576 7.83 -8.96 4.26
C ASP A 576 7.77 -10.48 4.23
N ASP A 577 8.66 -11.09 3.46
CA ASP A 577 8.64 -12.51 3.17
C ASP A 577 8.98 -13.37 4.37
N PHE A 578 9.57 -12.76 5.39
CA PHE A 578 10.07 -13.53 6.52
C PHE A 578 9.08 -13.48 7.67
N GLU A 579 7.88 -12.99 7.38
CA GLU A 579 6.83 -12.87 8.37
C GLU A 579 6.39 -14.24 8.86
N PHE A 580 6.12 -14.35 10.16
CA PHE A 580 5.71 -15.63 10.72
C PHE A 580 4.26 -15.96 10.40
N THR A 581 3.90 -17.23 10.51
CA THR A 581 2.54 -17.68 10.26
C THR A 581 1.76 -17.84 11.56
N GLY A 582 0.47 -17.54 11.53
CA GLY A 582 -0.39 -17.71 12.69
C GLY A 582 -0.85 -16.40 13.28
N SER A 583 -1.69 -16.50 14.30
CA SER A 583 -2.33 -15.35 14.92
C SER A 583 -1.30 -14.52 15.66
N HIS A 584 -1.50 -13.20 15.65
CA HIS A 584 -0.75 -12.31 16.52
C HIS A 584 -1.26 -12.47 17.93
N LEU A 585 -0.34 -12.45 18.90
CA LEU A 585 -0.70 -12.73 20.28
C LEU A 585 -0.22 -11.65 21.23
N THR A 586 -0.88 -11.55 22.38
CA THR A 586 -0.46 -10.62 23.40
C THR A 586 0.05 -11.39 24.60
N VAL A 587 1.08 -10.87 25.24
CA VAL A 587 1.57 -11.45 26.48
C VAL A 587 0.69 -10.89 27.56
N ARG A 588 -0.14 -11.75 28.14
CA ARG A 588 -1.20 -11.29 29.04
C ARG A 588 -0.66 -10.82 30.38
N ASN A 589 0.38 -11.48 30.88
CA ASN A 589 0.97 -11.12 32.17
C ASN A 589 2.19 -10.19 32.07
N GLY A 590 2.30 -9.47 30.94
CA GLY A 590 3.37 -8.50 30.75
C GLY A 590 4.64 -9.12 30.20
N TYR A 591 5.09 -8.61 29.05
CA TYR A 591 6.25 -9.14 28.33
C TYR A 591 7.53 -9.17 29.17
N SER A 592 7.63 -8.28 30.16
CA SER A 592 8.81 -8.16 31.02
C SER A 592 9.23 -9.50 31.60
N CYS A 593 8.24 -10.33 31.91
CA CYS A 593 8.49 -11.67 32.43
C CYS A 593 9.54 -12.44 31.62
N VAL A 594 9.78 -12.02 30.37
CA VAL A 594 10.77 -12.68 29.51
C VAL A 594 12.20 -12.22 29.78
N PRO A 595 12.49 -10.91 29.60
CA PRO A 595 13.83 -10.46 29.97
C PRO A 595 14.19 -10.85 31.39
N VAL A 596 13.24 -10.69 32.32
CA VAL A 596 13.44 -11.11 33.70
C VAL A 596 13.83 -12.59 33.81
N ALA A 597 13.10 -13.44 33.09
CA ALA A 597 13.43 -14.86 33.06
C ALA A 597 14.81 -15.12 32.43
N LEU A 598 15.18 -14.35 31.41
CA LEU A 598 16.50 -14.48 30.78
C LEU A 598 17.60 -14.01 31.73
N ALA A 599 17.36 -12.89 32.40
CA ALA A 599 18.29 -12.30 33.34
C ALA A 599 18.75 -13.21 34.49
N GLU A 600 18.00 -14.28 34.77
CA GLU A 600 18.29 -15.10 35.92
C GLU A 600 19.63 -15.82 35.76
N GLY A 601 20.54 -15.56 36.70
CA GLY A 601 21.86 -16.17 36.71
C GLY A 601 22.89 -15.47 35.84
N LEU A 602 22.81 -14.15 35.76
CA LEU A 602 23.74 -13.37 34.93
C LEU A 602 24.30 -12.15 35.65
N ASP A 603 25.58 -11.87 35.42
CA ASP A 603 26.23 -10.73 36.04
C ASP A 603 25.76 -9.42 35.38
N ILE A 604 24.77 -8.79 36.00
CA ILE A 604 24.19 -7.59 35.40
C ILE A 604 24.39 -6.37 36.30
N LYS A 605 25.12 -5.40 35.79
CA LYS A 605 25.38 -4.17 36.54
C LYS A 605 24.36 -3.12 36.12
N LEU A 606 23.28 -2.99 36.90
CA LEU A 606 22.25 -1.96 36.64
C LEU A 606 22.74 -0.60 37.08
N ASN A 607 22.14 0.45 36.53
CA ASN A 607 22.53 1.82 36.86
C ASN A 607 23.98 2.15 36.51
N THR A 608 24.41 1.60 35.37
CA THR A 608 25.78 1.72 34.91
C THR A 608 25.75 2.18 33.45
N ALA A 609 26.11 3.43 33.23
CA ALA A 609 26.02 4.00 31.89
C ALA A 609 27.36 4.02 31.17
N VAL A 610 27.53 3.10 30.23
CA VAL A 610 28.72 3.08 29.41
C VAL A 610 28.95 4.42 28.71
N ARG A 611 30.12 5.00 28.95
CA ARG A 611 30.43 6.33 28.45
C ARG A 611 31.48 6.30 27.34
N GLN A 612 32.34 5.29 27.39
CA GLN A 612 33.42 5.16 26.42
C GLN A 612 33.77 3.69 26.20
N VAL A 613 33.93 3.33 24.93
CA VAL A 613 34.43 2.00 24.57
C VAL A 613 35.76 2.15 23.84
N ARG A 614 36.81 1.65 24.50
CA ARG A 614 38.15 1.61 23.96
C ARG A 614 38.48 0.17 23.65
N TYR A 615 38.92 -0.05 22.41
CA TYR A 615 39.24 -1.38 21.91
C TYR A 615 40.56 -1.27 21.12
N THR A 616 41.47 -2.19 21.42
CA THR A 616 42.78 -2.22 20.78
C THR A 616 43.16 -3.67 20.52
N ALA A 617 44.20 -3.83 19.71
CA ALA A 617 44.70 -5.15 19.32
C ALA A 617 44.81 -6.14 20.49
N SER A 618 45.14 -5.63 21.68
CA SER A 618 45.42 -6.46 22.85
C SER A 618 44.20 -6.69 23.74
N GLY A 619 43.12 -5.96 23.46
CA GLY A 619 41.88 -6.09 24.21
C GLY A 619 41.11 -4.79 24.33
N CYS A 620 40.04 -4.81 25.12
CA CYS A 620 39.20 -3.63 25.31
C CYS A 620 39.01 -3.27 26.76
N GLU A 621 38.91 -1.96 27.02
CA GLU A 621 38.39 -1.47 28.28
C GLU A 621 37.16 -0.60 28.05
N VAL A 622 36.15 -0.80 28.91
CA VAL A 622 34.90 -0.07 28.83
C VAL A 622 34.73 0.81 30.06
N ILE A 623 34.50 2.10 29.83
CA ILE A 623 34.37 3.06 30.92
C ILE A 623 32.92 3.49 31.10
N ALA A 624 32.35 3.08 32.23
CA ALA A 624 30.97 3.35 32.58
C ALA A 624 30.91 4.17 33.85
N VAL A 625 29.78 4.81 34.10
CA VAL A 625 29.59 5.59 35.32
C VAL A 625 28.30 5.15 36.03
N ASN A 626 28.15 5.54 37.29
CA ASN A 626 26.93 5.25 38.02
C ASN A 626 25.88 6.31 37.71
N THR A 627 24.70 5.86 37.27
CA THR A 627 23.66 6.79 36.79
C THR A 627 23.13 7.67 37.91
N ARG A 628 23.18 7.14 39.14
CA ARG A 628 22.72 7.87 40.32
C ARG A 628 23.69 8.99 40.71
N SER A 629 24.85 8.65 41.29
CA SER A 629 25.93 9.63 41.44
C SER A 629 26.91 9.48 40.27
N THR A 630 26.83 10.42 39.34
CA THR A 630 27.46 10.27 38.01
C THR A 630 28.99 10.30 38.03
N SER A 631 29.56 10.91 39.05
CA SER A 631 31.01 11.04 39.17
C SER A 631 31.72 9.75 39.53
N GLN A 632 30.99 8.79 40.10
CA GLN A 632 31.55 7.48 40.44
C GLN A 632 31.83 6.62 39.19
N THR A 633 33.12 6.42 38.90
CA THR A 633 33.57 5.83 37.63
C THR A 633 34.00 4.36 37.67
N PHE A 634 33.59 3.58 36.67
CA PHE A 634 33.93 2.15 36.56
C PHE A 634 34.79 1.87 35.31
N ILE A 635 35.70 0.90 35.44
CA ILE A 635 36.52 0.47 34.32
C ILE A 635 36.40 -1.04 34.17
N TYR A 636 36.14 -1.48 32.95
CA TYR A 636 36.01 -2.89 32.63
C TYR A 636 36.98 -3.32 31.55
N LYS A 637 37.72 -4.37 31.83
CA LYS A 637 38.66 -4.95 30.89
C LYS A 637 38.06 -6.24 30.34
N CYS A 638 38.22 -6.45 29.04
CA CYS A 638 37.65 -7.63 28.40
C CYS A 638 38.34 -7.92 27.08
N ASP A 639 38.20 -9.17 26.64
CA ASP A 639 38.70 -9.60 25.34
C ASP A 639 37.80 -9.07 24.23
N ALA A 640 36.50 -9.00 24.52
CA ALA A 640 35.49 -8.65 23.53
C ALA A 640 34.36 -7.82 24.15
N VAL A 641 33.95 -6.80 23.40
CA VAL A 641 32.78 -5.98 23.74
C VAL A 641 31.64 -6.24 22.75
N LEU A 642 30.49 -6.62 23.28
CA LEU A 642 29.29 -6.78 22.44
C LEU A 642 28.34 -5.65 22.76
N CYS A 643 28.05 -4.86 21.73
CA CYS A 643 27.30 -3.62 21.86
C CYS A 643 25.85 -3.79 21.42
N THR A 644 24.92 -3.76 22.37
CA THR A 644 23.51 -3.85 22.03
C THR A 644 22.81 -2.50 22.20
N LEU A 645 23.61 -1.44 22.12
CA LEU A 645 23.09 -0.07 22.18
C LEU A 645 22.09 0.16 21.08
N PRO A 646 20.87 0.62 21.42
CA PRO A 646 19.85 1.06 20.49
C PRO A 646 20.44 1.95 19.43
N LEU A 647 19.83 1.94 18.23
CA LEU A 647 20.33 2.75 17.13
C LEU A 647 20.27 4.23 17.48
N GLY A 648 19.10 4.68 17.93
CA GLY A 648 18.93 6.06 18.40
C GLY A 648 20.04 6.54 19.30
N VAL A 649 20.62 5.62 20.05
CA VAL A 649 21.75 5.96 20.93
C VAL A 649 23.03 6.12 20.12
N LEU A 650 23.35 5.13 19.30
CA LEU A 650 24.47 5.21 18.36
C LEU A 650 24.30 6.42 17.46
N LYS A 651 23.08 6.94 17.41
CA LYS A 651 22.77 8.10 16.60
C LYS A 651 23.10 9.45 17.28
N GLN A 652 23.08 9.48 18.61
CA GLN A 652 23.21 10.74 19.38
C GLN A 652 24.34 11.64 18.91
N GLN A 653 24.07 12.94 18.90
CA GLN A 653 25.08 13.95 18.61
C GLN A 653 24.87 15.21 19.44
N PRO A 654 25.85 15.55 20.30
CA PRO A 654 27.11 14.83 20.55
C PRO A 654 26.85 13.46 21.16
N PRO A 655 27.76 12.49 20.90
CA PRO A 655 27.54 11.08 21.24
C PRO A 655 27.37 10.85 22.74
N ALA A 656 26.50 9.93 23.13
CA ALA A 656 26.38 9.54 24.54
C ALA A 656 27.50 8.57 24.90
N VAL A 657 28.05 7.91 23.88
CA VAL A 657 29.14 6.95 24.04
C VAL A 657 30.22 7.27 23.03
N GLN A 658 31.46 7.25 23.51
CA GLN A 658 32.62 7.47 22.68
C GLN A 658 33.28 6.15 22.27
N PHE A 659 33.63 6.06 21.00
CA PHE A 659 34.41 4.93 20.54
C PHE A 659 35.85 5.34 20.31
N VAL A 660 36.73 4.59 20.96
CA VAL A 660 38.16 4.83 20.93
C VAL A 660 38.88 3.56 20.46
N PRO A 661 39.36 3.56 19.20
CA PRO A 661 39.30 4.68 18.25
C PRO A 661 37.91 4.85 17.62
N PRO A 662 37.69 5.98 16.91
CA PRO A 662 36.37 6.23 16.34
C PRO A 662 35.89 5.08 15.48
N LEU A 663 34.57 4.88 15.41
CA LEU A 663 33.99 3.88 14.53
C LEU A 663 34.30 4.22 13.08
N PRO A 664 34.68 3.21 12.28
CA PRO A 664 35.06 3.43 10.88
C PRO A 664 33.93 4.08 10.12
N GLU A 665 34.26 4.93 9.15
CA GLU A 665 33.24 5.75 8.49
C GLU A 665 32.13 4.90 7.85
N TRP A 666 32.46 3.68 7.41
CA TRP A 666 31.46 2.82 6.80
C TRP A 666 30.37 2.43 7.75
N LYS A 667 30.70 2.39 9.04
CA LYS A 667 29.76 1.97 10.05
C LYS A 667 28.92 3.16 10.49
N THR A 668 29.57 4.33 10.59
CA THR A 668 28.90 5.54 11.05
C THR A 668 27.91 6.03 10.00
N SER A 669 28.26 5.89 8.72
CA SER A 669 27.34 6.21 7.62
C SER A 669 26.09 5.37 7.74
N ALA A 670 26.27 4.08 7.98
CA ALA A 670 25.15 3.16 8.17
C ALA A 670 24.29 3.58 9.36
N VAL A 671 24.92 4.15 10.37
CA VAL A 671 24.15 4.68 11.50
C VAL A 671 23.35 5.91 11.07
N GLN A 672 23.97 6.83 10.35
CA GLN A 672 23.25 8.00 9.83
C GLN A 672 22.12 7.58 8.90
N ARG A 673 22.45 6.79 7.88
CA ARG A 673 21.50 6.38 6.86
C ARG A 673 20.22 5.77 7.42
N MET A 674 20.36 4.77 8.28
CA MET A 674 19.20 4.05 8.83
C MET A 674 18.26 4.93 9.63
N GLY A 675 16.98 4.62 9.54
CA GLY A 675 15.97 5.36 10.26
C GLY A 675 15.67 4.77 11.62
N PHE A 676 15.46 5.64 12.59
CA PHE A 676 15.02 5.22 13.91
C PHE A 676 13.80 6.01 14.31
N GLY A 677 12.66 5.35 14.31
CA GLY A 677 11.38 6.01 14.53
C GLY A 677 10.91 6.11 15.97
N ASN A 678 9.61 6.36 16.10
CA ASN A 678 8.98 6.66 17.38
C ASN A 678 7.48 6.32 17.32
N LEU A 679 6.93 5.89 18.46
CA LEU A 679 5.51 5.66 18.61
C LEU A 679 5.25 5.45 20.09
N ASN A 680 4.27 6.17 20.64
CA ASN A 680 4.02 6.14 22.09
C ASN A 680 2.66 5.58 22.49
N LYS A 681 2.60 5.07 23.72
CA LYS A 681 1.36 4.53 24.26
C LYS A 681 0.78 5.34 25.41
N VAL A 682 -0.54 5.38 25.51
CA VAL A 682 -1.21 5.92 26.70
C VAL A 682 -1.97 4.81 27.41
N VAL A 683 -1.54 4.50 28.62
CA VAL A 683 -2.19 3.44 29.38
C VAL A 683 -3.29 4.04 30.24
N LEU A 684 -4.53 3.62 29.97
CA LEU A 684 -5.69 4.06 30.72
C LEU A 684 -6.28 2.90 31.49
N CYS A 685 -6.22 3.02 32.81
CA CYS A 685 -6.70 1.99 33.73
C CYS A 685 -7.97 2.45 34.42
N PHE A 686 -9.07 1.77 34.13
CA PHE A 686 -10.36 2.12 34.69
C PHE A 686 -10.78 1.11 35.75
N ASP A 687 -11.97 1.33 36.33
CA ASP A 687 -12.54 0.43 37.33
C ASP A 687 -13.62 -0.49 36.73
N ARG A 688 -13.81 -0.40 35.41
CA ARG A 688 -14.84 -1.18 34.72
C ARG A 688 -14.73 -1.11 33.19
N VAL A 689 -14.98 -2.26 32.55
CA VAL A 689 -14.99 -2.38 31.10
C VAL A 689 -16.17 -1.60 30.49
N PHE A 690 -15.93 -0.38 30.04
CA PHE A 690 -17.01 0.39 29.42
C PHE A 690 -17.05 0.27 27.89
N TRP A 691 -16.28 -0.65 27.34
CA TRP A 691 -16.17 -0.79 25.89
C TRP A 691 -16.68 -2.12 25.45
N ASP A 692 -16.60 -2.38 24.15
CA ASP A 692 -17.02 -3.65 23.61
C ASP A 692 -15.98 -4.73 23.92
N PRO A 693 -16.32 -5.65 24.85
CA PRO A 693 -15.40 -6.70 25.31
C PRO A 693 -15.07 -7.71 24.22
N SER A 694 -15.95 -7.86 23.23
CA SER A 694 -15.69 -8.79 22.13
C SER A 694 -14.73 -8.22 21.08
N VAL A 695 -14.48 -6.92 21.16
CA VAL A 695 -13.55 -6.26 20.26
C VAL A 695 -12.23 -5.93 20.97
N ASN A 696 -11.12 -6.26 20.31
CA ASN A 696 -9.79 -6.02 20.84
C ASN A 696 -9.30 -4.62 20.56
N LEU A 697 -9.54 -4.14 19.34
CA LEU A 697 -9.05 -2.83 18.94
C LEU A 697 -10.06 -2.05 18.11
N PHE A 698 -10.21 -0.77 18.42
CA PHE A 698 -11.04 0.13 17.64
C PHE A 698 -10.31 1.43 17.33
N GLY A 699 -10.55 1.98 16.16
CA GLY A 699 -9.88 3.19 15.72
C GLY A 699 -10.68 4.46 15.92
N HIS A 700 -9.98 5.58 15.96
CA HIS A 700 -10.60 6.90 15.95
C HIS A 700 -10.02 7.65 14.79
N VAL A 701 -10.90 8.32 14.02
CA VAL A 701 -10.46 9.02 12.83
C VAL A 701 -10.23 10.49 13.13
N GLY A 702 -9.00 10.94 12.90
CA GLY A 702 -8.62 12.32 13.19
C GLY A 702 -9.23 13.31 12.23
N SER A 703 -9.18 14.59 12.60
CA SER A 703 -9.77 15.68 11.83
C SER A 703 -8.94 16.10 10.62
N THR A 704 -7.63 15.85 10.67
CA THR A 704 -6.74 16.31 9.61
C THR A 704 -5.80 15.22 9.14
N THR A 705 -5.06 15.50 8.08
CA THR A 705 -3.89 14.73 7.72
C THR A 705 -2.85 14.95 8.83
N ALA A 706 -2.64 16.22 9.18
CA ALA A 706 -1.62 16.59 10.15
C ALA A 706 -1.75 15.90 11.49
N SER A 707 -2.97 15.49 11.85
CA SER A 707 -3.19 14.92 13.18
C SER A 707 -3.63 13.47 13.12
N ARG A 708 -3.36 12.79 12.00
CA ARG A 708 -3.94 11.48 11.76
C ARG A 708 -3.54 10.38 12.76
N GLY A 709 -2.35 10.49 13.32
CA GLY A 709 -1.86 9.47 14.24
C GLY A 709 -2.14 9.78 15.70
N GLU A 710 -2.67 10.98 15.95
CA GLU A 710 -2.97 11.40 17.31
C GLU A 710 -4.10 10.57 17.86
N LEU A 711 -3.79 9.77 18.87
CA LEU A 711 -4.75 8.90 19.56
C LEU A 711 -5.68 8.13 18.61
N PHE A 712 -5.11 7.62 17.52
CA PHE A 712 -5.87 7.06 16.41
C PHE A 712 -6.34 5.61 16.61
N LEU A 713 -5.89 4.95 17.68
CA LEU A 713 -6.20 3.55 17.86
C LEU A 713 -6.19 3.13 19.33
N PHE A 714 -7.08 2.20 19.70
CA PHE A 714 -7.24 1.78 21.10
C PHE A 714 -7.22 0.26 21.25
N TRP A 715 -6.50 -0.25 22.26
CA TRP A 715 -6.45 -1.70 22.52
C TRP A 715 -7.04 -2.08 23.84
N ASN A 716 -8.02 -2.98 23.76
CA ASN A 716 -8.55 -3.69 24.90
C ASN A 716 -7.99 -5.09 24.79
N LEU A 717 -7.11 -5.46 25.73
CA LEU A 717 -6.43 -6.74 25.60
C LEU A 717 -6.51 -7.61 26.85
N TYR A 718 -6.48 -6.96 28.00
CA TYR A 718 -6.31 -7.66 29.26
C TYR A 718 -7.66 -8.03 29.90
N LYS A 719 -7.61 -8.96 30.87
CA LYS A 719 -8.75 -9.27 31.71
C LYS A 719 -9.16 -8.00 32.44
N ALA A 720 -8.16 -7.30 32.95
CA ALA A 720 -8.34 -6.02 33.64
C ALA A 720 -8.94 -4.92 32.72
N PRO A 721 -9.66 -3.97 33.32
CA PRO A 721 -10.20 -2.83 32.60
C PRO A 721 -9.11 -1.83 32.20
N ILE A 722 -8.29 -2.22 31.22
CA ILE A 722 -7.25 -1.32 30.70
C ILE A 722 -7.45 -1.07 29.21
N LEU A 723 -7.52 0.20 28.85
CA LEU A 723 -7.48 0.60 27.45
C LEU A 723 -6.15 1.25 27.10
N LEU A 724 -5.65 0.92 25.91
CA LEU A 724 -4.35 1.38 25.50
C LEU A 724 -4.50 2.21 24.24
N ALA A 725 -4.01 3.44 24.26
CA ALA A 725 -4.20 4.36 23.14
C ALA A 725 -2.88 4.75 22.49
N LEU A 726 -2.83 4.69 21.16
CA LEU A 726 -1.58 4.88 20.43
C LEU A 726 -1.42 6.24 19.78
N VAL A 727 -0.24 6.83 19.92
CA VAL A 727 0.11 8.03 19.17
C VAL A 727 1.18 7.67 18.14
N ALA A 728 0.85 7.78 16.85
CA ALA A 728 1.79 7.40 15.81
C ALA A 728 2.17 8.55 14.89
N GLY A 729 2.77 8.22 13.74
CA GLY A 729 3.14 9.20 12.72
C GLY A 729 3.90 10.45 13.18
N GLU A 730 3.58 11.58 12.57
CA GLU A 730 4.16 12.86 12.95
C GLU A 730 3.74 13.22 14.36
N ALA A 731 2.49 12.90 14.70
CA ALA A 731 1.89 13.18 15.99
C ALA A 731 2.72 12.69 17.18
N ALA A 732 3.27 11.48 17.05
CA ALA A 732 4.04 10.84 18.12
C ALA A 732 5.13 11.74 18.72
N GLY A 733 5.95 12.31 17.83
CA GLY A 733 7.02 13.22 18.23
C GLY A 733 6.55 14.50 18.88
N ILE A 734 5.41 14.99 18.43
CA ILE A 734 4.83 16.23 18.94
C ILE A 734 4.18 16.05 20.31
N MET A 735 3.46 14.95 20.48
CA MET A 735 2.74 14.69 21.72
C MET A 735 3.66 14.58 22.94
N GLU A 736 4.94 14.31 22.69
CA GLU A 736 5.93 14.21 23.76
C GLU A 736 6.14 15.55 24.48
N ASN A 737 5.85 16.65 23.79
CA ASN A 737 5.91 17.99 24.39
C ASN A 737 4.61 18.46 25.03
N ILE A 738 3.77 17.50 25.41
CA ILE A 738 2.45 17.81 25.97
C ILE A 738 2.23 17.01 27.25
N SER A 739 1.85 17.69 28.32
CA SER A 739 1.66 17.06 29.63
C SER A 739 0.65 15.92 29.58
N ASP A 740 0.81 14.98 30.52
CA ASP A 740 0.01 13.76 30.57
C ASP A 740 -1.47 14.04 30.69
N ASP A 741 -1.81 15.00 31.55
CA ASP A 741 -3.21 15.38 31.78
C ASP A 741 -3.89 15.78 30.49
N VAL A 742 -3.28 16.74 29.78
CA VAL A 742 -3.73 17.16 28.47
C VAL A 742 -3.92 15.99 27.51
N ILE A 743 -3.01 15.03 27.56
CA ILE A 743 -3.09 13.85 26.70
C ILE A 743 -4.25 12.95 27.12
N VAL A 744 -4.28 12.61 28.40
CA VAL A 744 -5.37 11.80 28.97
C VAL A 744 -6.71 12.53 28.76
N GLY A 745 -6.65 13.87 28.72
CA GLY A 745 -7.79 14.71 28.38
C GLY A 745 -8.33 14.36 27.01
N ARG A 746 -7.52 14.61 25.98
CA ARG A 746 -7.89 14.29 24.61
C ARG A 746 -8.37 12.83 24.49
N CYS A 747 -7.83 11.97 25.34
CA CYS A 747 -8.19 10.56 25.39
C CYS A 747 -9.61 10.31 25.88
N LEU A 748 -9.93 10.87 27.04
CA LEU A 748 -11.26 10.75 27.60
C LEU A 748 -12.28 11.41 26.69
N ALA A 749 -11.93 12.60 26.19
CA ALA A 749 -12.71 13.29 25.17
C ALA A 749 -13.18 12.27 24.14
N ILE A 750 -12.24 11.73 23.37
CA ILE A 750 -12.57 10.81 22.27
C ILE A 750 -13.46 9.64 22.73
N LEU A 751 -13.12 9.03 23.86
CA LEU A 751 -13.89 7.91 24.42
C LEU A 751 -15.34 8.24 24.76
N LYS A 752 -15.53 9.39 25.43
CA LYS A 752 -16.87 9.93 25.71
C LYS A 752 -17.63 10.12 24.40
N GLY A 753 -16.97 10.76 23.44
CA GLY A 753 -17.51 11.00 22.12
C GLY A 753 -17.94 9.74 21.40
N ILE A 754 -17.50 8.59 21.86
CA ILE A 754 -17.81 7.32 21.19
C ILE A 754 -18.70 6.40 22.02
N PHE A 755 -18.59 6.48 23.34
CA PHE A 755 -19.31 5.56 24.22
C PHE A 755 -20.37 6.24 25.08
N GLY A 756 -20.40 7.57 25.06
CA GLY A 756 -21.33 8.32 25.87
C GLY A 756 -20.62 9.12 26.94
N SER A 757 -21.01 10.40 27.05
CA SER A 757 -20.39 11.35 27.95
C SER A 757 -20.44 10.96 29.43
N SER A 758 -21.23 9.95 29.77
CA SER A 758 -21.38 9.52 31.16
C SER A 758 -21.02 8.05 31.35
N ALA A 759 -20.71 7.37 30.24
CA ALA A 759 -20.23 5.99 30.29
C ALA A 759 -18.73 5.89 30.62
N VAL A 760 -18.01 6.98 30.40
CA VAL A 760 -16.54 7.04 30.52
C VAL A 760 -16.12 7.71 31.83
N PRO A 761 -15.70 6.90 32.83
CA PRO A 761 -15.33 7.45 34.15
C PRO A 761 -13.98 8.17 34.13
N GLN A 762 -13.49 8.52 35.31
CA GLN A 762 -12.10 8.93 35.43
C GLN A 762 -11.22 7.70 35.61
N PRO A 763 -10.11 7.64 34.84
CA PRO A 763 -9.14 6.55 34.95
C PRO A 763 -8.45 6.55 36.31
N LYS A 764 -8.40 5.39 36.96
CA LYS A 764 -7.77 5.27 38.27
C LYS A 764 -6.24 5.46 38.20
N GLU A 765 -5.63 4.98 37.12
CA GLU A 765 -4.18 5.12 36.86
C GLU A 765 -3.89 5.40 35.38
N THR A 766 -2.99 6.34 35.11
CA THR A 766 -2.54 6.58 33.73
C THR A 766 -1.02 6.66 33.56
N VAL A 767 -0.54 6.17 32.42
CA VAL A 767 0.88 6.26 32.05
C VAL A 767 1.02 6.73 30.60
N VAL A 768 1.98 7.61 30.34
CA VAL A 768 2.28 8.01 28.97
C VAL A 768 3.75 7.81 28.62
N SER A 769 4.03 6.92 27.67
CA SER A 769 5.40 6.70 27.19
C SER A 769 5.96 7.91 26.43
N ARG A 770 7.27 8.11 26.53
CA ARG A 770 7.96 9.10 25.71
C ARG A 770 9.31 8.56 25.24
N TRP A 771 9.26 7.72 24.20
CA TRP A 771 10.42 6.96 23.77
C TRP A 771 11.50 7.79 23.16
N ARG A 772 11.15 8.75 22.30
CA ARG A 772 12.14 9.65 21.72
C ARG A 772 12.86 10.44 22.82
N ALA A 773 12.11 10.84 23.84
CA ALA A 773 12.67 11.54 25.00
C ALA A 773 13.61 10.64 25.83
N ASP A 774 13.24 9.38 26.00
CA ASP A 774 14.01 8.43 26.81
C ASP A 774 15.46 8.31 26.36
N PRO A 775 16.40 8.68 27.26
CA PRO A 775 17.85 8.65 27.07
C PRO A 775 18.44 7.33 26.60
N TRP A 776 17.83 6.21 26.98
CA TRP A 776 18.35 4.88 26.66
C TRP A 776 17.64 4.23 25.50
N ALA A 777 16.98 5.06 24.71
CA ALA A 777 16.32 4.60 23.49
C ALA A 777 16.49 5.62 22.37
N ARG A 778 16.18 6.88 22.67
CA ARG A 778 16.18 7.97 21.68
C ARG A 778 15.27 7.63 20.50
N GLY A 779 14.14 6.98 20.81
CA GLY A 779 13.18 6.55 19.79
C GLY A 779 12.60 5.19 20.16
N SER A 780 11.84 4.60 19.25
CA SER A 780 11.16 3.33 19.50
C SER A 780 11.91 2.18 18.85
N TYR A 781 11.75 2.01 17.55
CA TYR A 781 12.54 1.03 16.80
C TYR A 781 12.94 1.56 15.45
N SER A 782 13.73 0.79 14.72
CA SER A 782 14.28 1.25 13.45
C SER A 782 13.26 1.12 12.34
N TYR A 783 13.58 1.74 11.21
CA TYR A 783 12.82 1.55 9.99
C TYR A 783 13.77 1.76 8.84
N VAL A 784 13.38 1.29 7.66
CA VAL A 784 14.21 1.51 6.48
C VAL A 784 13.92 2.93 5.97
N ALA A 785 14.77 3.88 6.30
CA ALA A 785 14.59 5.24 5.81
C ALA A 785 14.90 5.31 4.33
N ALA A 786 14.38 6.32 3.66
CA ALA A 786 14.70 6.52 2.25
C ALA A 786 16.20 6.81 2.11
N GLY A 787 16.84 6.12 1.17
CA GLY A 787 18.28 6.23 1.00
C GLY A 787 19.05 5.17 1.76
N SER A 788 18.34 4.40 2.59
CA SER A 788 18.88 3.23 3.26
C SER A 788 18.41 1.98 2.53
N SER A 789 18.87 0.82 2.95
CA SER A 789 18.39 -0.45 2.42
C SER A 789 18.49 -1.54 3.48
N GLY A 790 18.19 -2.78 3.09
CA GLY A 790 18.33 -3.89 4.00
C GLY A 790 19.80 -4.11 4.27
N ASN A 791 20.61 -3.71 3.29
CA ASN A 791 22.04 -3.88 3.34
C ASN A 791 22.71 -3.17 4.52
N ASP A 792 22.14 -2.04 4.93
CA ASP A 792 22.65 -1.27 6.04
C ASP A 792 22.59 -2.03 7.33
N TYR A 793 21.49 -2.77 7.51
CA TYR A 793 21.33 -3.67 8.65
C TYR A 793 22.48 -4.66 8.79
N ASP A 794 22.98 -5.15 7.65
CA ASP A 794 24.17 -6.00 7.62
C ASP A 794 25.42 -5.24 8.06
N LEU A 795 25.63 -4.07 7.49
CA LEU A 795 26.68 -3.20 7.96
C LEU A 795 26.65 -3.02 9.48
N MET A 796 25.46 -2.85 10.06
CA MET A 796 25.33 -2.76 11.52
C MET A 796 25.88 -3.96 12.27
N ALA A 797 25.68 -5.16 11.73
CA ALA A 797 26.10 -6.37 12.42
C ALA A 797 27.62 -6.65 12.31
N GLN A 798 28.23 -6.22 11.20
CA GLN A 798 29.66 -6.38 10.93
C GLN A 798 30.50 -5.91 12.09
N PRO A 799 31.32 -6.80 12.69
CA PRO A 799 32.09 -6.40 13.87
C PRO A 799 33.32 -5.55 13.52
N ILE A 800 33.92 -4.91 14.51
CA ILE A 800 35.10 -4.06 14.29
C ILE A 800 36.40 -4.69 14.76
N THR A 801 37.37 -4.71 13.85
CA THR A 801 38.73 -5.18 14.13
C THR A 801 39.66 -3.98 14.27
N PRO A 802 40.32 -3.85 15.43
CA PRO A 802 41.22 -2.71 15.71
C PRO A 802 42.46 -2.76 14.84
N GLY A 803 43.14 -1.63 14.66
CA GLY A 803 44.45 -1.61 13.99
C GLY A 803 45.49 -2.39 14.80
N PRO A 804 46.69 -2.60 14.23
CA PRO A 804 47.70 -3.33 15.02
C PRO A 804 48.38 -2.41 16.04
N SER A 805 48.81 -2.97 17.17
CA SER A 805 49.54 -2.22 18.20
C SER A 805 50.93 -1.84 17.69
N ILE A 806 51.86 -2.80 17.81
CA ILE A 806 53.18 -2.71 17.20
C ILE A 806 52.95 -2.76 15.69
N PRO A 807 53.43 -1.74 14.94
CA PRO A 807 53.24 -1.81 13.48
C PRO A 807 53.95 -3.02 12.90
N GLY A 808 53.31 -3.68 11.93
CA GLY A 808 53.87 -4.87 11.30
C GLY A 808 53.62 -6.17 12.05
N ALA A 809 52.92 -6.10 13.18
CA ALA A 809 52.46 -7.30 13.89
C ALA A 809 51.25 -7.89 13.16
N PRO A 810 50.95 -9.19 13.37
CA PRO A 810 49.89 -9.86 12.62
C PRO A 810 48.53 -9.17 12.69
N GLN A 811 47.64 -9.50 11.76
CA GLN A 811 46.27 -8.98 11.75
C GLN A 811 45.53 -9.34 13.04
N PRO A 812 45.05 -8.32 13.77
CA PRO A 812 44.34 -8.57 15.02
C PRO A 812 43.00 -9.30 14.84
N ILE A 813 42.58 -9.93 15.93
CA ILE A 813 41.25 -10.48 16.09
C ILE A 813 40.23 -9.31 16.05
N PRO A 814 38.98 -9.58 15.64
CA PRO A 814 37.86 -8.65 15.84
C PRO A 814 37.51 -8.48 17.32
N ARG A 815 37.42 -7.23 17.78
CA ARG A 815 37.17 -6.96 19.21
C ARG A 815 35.74 -6.48 19.55
N LEU A 816 35.17 -5.65 18.68
CA LEU A 816 33.87 -4.97 18.93
C LEU A 816 32.77 -5.57 18.08
N PHE A 817 31.66 -5.92 18.73
CA PHE A 817 30.58 -6.70 18.13
C PHE A 817 29.24 -6.02 18.34
N PHE A 818 28.34 -6.12 17.37
CA PHE A 818 27.02 -5.48 17.48
C PHE A 818 25.84 -6.41 17.27
N ALA A 819 25.03 -6.55 18.30
CA ALA A 819 23.72 -7.18 18.17
C ALA A 819 22.65 -6.13 18.46
N GLY A 820 21.40 -6.51 18.25
CA GLY A 820 20.31 -5.60 18.46
C GLY A 820 19.38 -5.55 17.28
N GLU A 821 18.11 -5.30 17.59
CA GLU A 821 17.06 -5.07 16.63
C GLU A 821 17.48 -4.38 15.31
N HIS A 822 18.47 -3.50 15.36
CA HIS A 822 18.88 -2.75 14.17
C HIS A 822 19.97 -3.44 13.37
N THR A 823 20.26 -4.70 13.70
CA THR A 823 21.39 -5.42 13.07
C THR A 823 20.95 -6.62 12.23
N ILE A 824 19.67 -6.93 12.29
CA ILE A 824 19.16 -8.16 11.71
C ILE A 824 18.21 -7.87 10.54
N ARG A 825 18.82 -7.66 9.37
CA ARG A 825 18.15 -7.42 8.09
C ARG A 825 16.76 -8.04 7.93
N ASN A 826 16.61 -9.29 8.36
CA ASN A 826 15.38 -10.05 8.10
C ASN A 826 14.31 -10.05 9.17
N TYR A 827 14.60 -9.41 10.30
CA TYR A 827 13.62 -9.29 11.39
C TYR A 827 13.84 -8.00 12.15
N PRO A 828 13.98 -6.88 11.43
CA PRO A 828 14.25 -5.64 12.17
C PRO A 828 13.10 -5.32 13.09
N ALA A 829 13.36 -4.40 14.00
CA ALA A 829 12.33 -3.83 14.85
C ALA A 829 11.41 -4.82 15.57
N THR A 830 11.94 -5.95 16.04
CA THR A 830 11.12 -6.92 16.79
C THR A 830 11.88 -7.60 17.91
N VAL A 831 11.17 -8.07 18.93
CA VAL A 831 11.79 -8.86 20.01
C VAL A 831 12.56 -10.08 19.47
N HIS A 832 11.88 -10.92 18.68
CA HIS A 832 12.55 -12.08 18.13
C HIS A 832 13.75 -11.68 17.32
N GLY A 833 13.61 -10.61 16.53
CA GLY A 833 14.73 -10.08 15.75
C GLY A 833 15.93 -9.79 16.64
N ALA A 834 15.68 -9.10 17.75
CA ALA A 834 16.73 -8.82 18.73
C ALA A 834 17.30 -10.13 19.24
N LEU A 835 16.47 -10.87 19.95
CA LEU A 835 16.78 -12.23 20.42
C LEU A 835 17.72 -12.93 19.46
N LEU A 836 17.28 -13.11 18.22
CA LEU A 836 18.10 -13.78 17.21
C LEU A 836 19.46 -13.13 16.96
N SER A 837 19.51 -11.79 16.91
CA SER A 837 20.76 -11.08 16.69
C SER A 837 21.73 -11.40 17.82
N GLY A 838 21.21 -11.40 19.04
CA GLY A 838 21.97 -11.81 20.21
C GLY A 838 22.53 -13.21 20.02
N LEU A 839 21.66 -14.16 19.70
CA LEU A 839 22.10 -15.53 19.48
C LEU A 839 23.20 -15.53 18.45
N ARG A 840 23.00 -14.77 17.38
CA ARG A 840 23.96 -14.67 16.29
C ARG A 840 25.31 -14.24 16.81
N GLU A 841 25.38 -13.07 17.44
CA GLU A 841 26.67 -12.56 17.89
C GLU A 841 27.37 -13.55 18.83
N ALA A 842 26.66 -14.07 19.82
CA ALA A 842 27.21 -15.07 20.73
C ALA A 842 27.96 -16.12 19.93
N GLY A 843 27.26 -16.74 18.99
CA GLY A 843 27.87 -17.73 18.11
C GLY A 843 29.20 -17.23 17.59
N ARG A 844 29.17 -16.09 16.90
CA ARG A 844 30.34 -15.52 16.25
C ARG A 844 31.50 -15.28 17.21
N ILE A 845 31.19 -14.70 18.37
CA ILE A 845 32.17 -14.48 19.43
C ILE A 845 32.75 -15.80 19.94
N ALA A 846 31.90 -16.78 20.20
CA ALA A 846 32.35 -18.09 20.62
C ALA A 846 33.32 -18.69 19.60
N ASP A 847 32.93 -18.73 18.33
CA ASP A 847 33.82 -19.12 17.24
C ASP A 847 35.15 -18.36 17.27
N GLN A 848 35.08 -17.09 17.63
CA GLN A 848 36.25 -16.23 17.61
C GLN A 848 37.21 -16.55 18.74
N PHE A 849 36.67 -16.81 19.93
CA PHE A 849 37.49 -16.92 21.13
C PHE A 849 37.60 -18.31 21.72
N LEU A 850 36.67 -19.19 21.36
CA LEU A 850 36.74 -20.58 21.80
C LEU A 850 37.11 -21.49 20.65
N GLY A 851 37.32 -20.90 19.47
CA GLY A 851 37.72 -21.64 18.27
C GLY A 851 36.68 -22.62 17.77
N ALA A 852 36.91 -23.16 16.59
CA ALA A 852 36.03 -24.16 15.99
C ALA A 852 36.51 -25.60 16.24
N MET A 853 35.80 -26.31 17.11
CA MET A 853 36.08 -27.72 17.41
C MET A 853 35.36 -28.64 16.42
N TYR A 854 34.43 -28.06 15.67
CA TYR A 854 33.42 -28.80 14.90
C TYR A 854 33.54 -28.69 13.35
N THR A 855 34.70 -28.28 12.87
CA THR A 855 34.94 -28.17 11.42
C THR A 855 35.98 -29.18 10.89
N LEU A 856 36.58 -29.97 11.79
CA LEU A 856 37.52 -31.04 11.43
C LEU A 856 36.81 -32.18 10.70
N ARG B 308 3.35 -6.48 -13.58
CA ARG B 308 2.94 -6.45 -15.02
C ARG B 308 2.06 -5.24 -15.33
N LYS B 309 0.96 -5.12 -14.58
CA LYS B 309 0.01 -4.02 -14.77
C LYS B 309 -0.49 -3.48 -13.42
N PRO B 310 -0.81 -2.18 -13.37
CA PRO B 310 -1.27 -1.58 -12.11
C PRO B 310 -2.58 -2.22 -11.68
N PRO B 311 -2.91 -2.15 -10.38
CA PRO B 311 -4.18 -2.70 -9.89
C PRO B 311 -5.38 -2.14 -10.66
N LYS B 312 -6.53 -2.79 -10.53
CA LYS B 312 -7.73 -2.28 -11.19
C LYS B 312 -8.42 -1.19 -10.38
N GLY B 313 -8.92 -0.18 -11.10
CA GLY B 313 -9.44 1.04 -10.49
C GLY B 313 -8.29 1.93 -10.07
N MET B 314 -7.22 1.88 -10.85
CA MET B 314 -5.95 2.52 -10.52
C MET B 314 -5.24 2.80 -11.83
N PHE B 315 -4.89 4.07 -12.07
CA PHE B 315 -4.42 4.49 -13.38
C PHE B 315 -3.12 5.27 -13.29
N LEU B 316 -2.08 4.76 -13.94
CA LEU B 316 -0.74 5.37 -13.89
C LEU B 316 0.04 4.97 -15.12
N SER B 317 0.40 5.95 -15.94
CA SER B 317 1.26 5.69 -17.09
C SER B 317 2.57 6.42 -16.90
N GLN B 318 3.65 5.83 -17.45
CA GLN B 318 4.99 6.42 -17.36
C GLN B 318 4.95 7.92 -17.67
N GLU B 319 4.29 8.26 -18.78
CA GLU B 319 4.13 9.63 -19.26
C GLU B 319 3.50 10.55 -18.21
N ASP B 320 2.41 10.09 -17.60
CA ASP B 320 1.68 10.85 -16.59
C ASP B 320 2.51 11.15 -15.35
N VAL B 321 3.28 10.15 -14.92
CA VAL B 321 4.09 10.26 -13.71
C VAL B 321 5.11 11.39 -13.83
N GLU B 322 5.82 11.43 -14.95
CA GLU B 322 6.83 12.46 -15.23
C GLU B 322 6.23 13.86 -15.31
N ALA B 323 4.95 13.93 -15.61
CA ALA B 323 4.22 15.19 -15.77
C ALA B 323 3.81 15.81 -14.44
N VAL B 324 3.48 14.96 -13.47
CA VAL B 324 2.98 15.41 -12.17
C VAL B 324 4.12 15.56 -11.16
N SER B 325 5.35 15.50 -11.66
CA SER B 325 6.56 15.56 -10.83
C SER B 325 7.60 16.60 -11.30
N ALA B 326 7.50 17.00 -12.56
CA ALA B 326 8.44 17.94 -13.20
C ALA B 326 8.89 19.13 -12.34
N ASN B 327 8.01 19.61 -11.47
CA ASN B 327 8.38 20.60 -10.45
C ASN B 327 7.59 20.40 -9.16
N ALA B 328 7.62 21.41 -8.29
CA ALA B 328 6.97 21.34 -6.97
C ALA B 328 5.45 21.33 -7.04
N THR B 329 4.90 22.13 -7.96
CA THR B 329 3.44 22.30 -8.07
C THR B 329 2.85 21.84 -9.41
N ALA B 330 3.68 21.22 -10.25
CA ALA B 330 3.20 20.58 -11.49
C ALA B 330 1.94 19.77 -11.23
N ALA B 331 1.85 19.25 -9.99
CA ALA B 331 0.70 18.51 -9.51
C ALA B 331 -0.58 19.33 -9.56
N THR B 332 -0.61 20.42 -8.80
CA THR B 332 -1.81 21.29 -8.74
C THR B 332 -1.96 22.18 -9.98
N THR B 333 -0.88 22.37 -10.73
CA THR B 333 -0.94 23.05 -12.04
C THR B 333 -1.79 22.24 -13.01
N VAL B 334 -1.42 20.97 -13.21
CA VAL B 334 -2.12 20.07 -14.12
C VAL B 334 -3.58 19.82 -13.69
N LEU B 335 -3.80 19.68 -12.39
CA LEU B 335 -5.16 19.50 -11.85
C LEU B 335 -6.04 20.76 -11.92
N ARG B 336 -5.41 21.92 -12.11
CA ARG B 336 -6.15 23.18 -12.34
C ARG B 336 -6.51 23.38 -13.80
N GLN B 337 -5.59 23.06 -14.70
CA GLN B 337 -5.87 23.13 -16.14
C GLN B 337 -7.07 22.29 -16.53
N LEU B 338 -7.24 21.15 -15.86
CA LEU B 338 -8.38 20.29 -16.09
C LEU B 338 -9.62 20.83 -15.40
N ASP B 339 -9.43 21.43 -14.23
CA ASP B 339 -10.54 22.05 -13.51
C ASP B 339 -11.20 23.17 -14.31
N MET B 340 -10.36 24.00 -14.94
CA MET B 340 -10.82 25.05 -15.85
C MET B 340 -11.42 24.45 -17.12
N GLU B 341 -10.62 23.62 -17.80
CA GLU B 341 -11.04 22.90 -19.00
C GLU B 341 -12.41 22.22 -18.90
N LEU B 342 -12.76 21.78 -17.69
CA LEU B 342 -14.06 21.15 -17.45
C LEU B 342 -15.15 22.20 -17.45
N VAL B 343 -14.98 23.25 -16.65
CA VAL B 343 -15.91 24.38 -16.62
C VAL B 343 -16.08 25.04 -18.01
N SER B 344 -14.96 25.20 -18.72
CA SER B 344 -14.93 25.70 -20.09
C SER B 344 -15.88 24.93 -21.01
N VAL B 345 -15.94 23.61 -20.82
CA VAL B 345 -16.83 22.76 -21.60
C VAL B 345 -18.23 22.76 -20.99
N LYS B 346 -18.29 22.68 -19.67
CA LYS B 346 -19.55 22.62 -18.95
C LYS B 346 -20.43 23.84 -19.26
N ARG B 347 -19.79 25.00 -19.39
CA ARG B 347 -20.50 26.23 -19.76
C ARG B 347 -20.98 26.16 -21.20
N GLN B 348 -20.11 25.65 -22.07
CA GLN B 348 -20.39 25.62 -23.50
C GLN B 348 -21.47 24.59 -23.83
N ILE B 349 -21.67 23.65 -22.93
CA ILE B 349 -22.80 22.71 -23.04
C ILE B 349 -24.11 23.47 -22.92
N GLN B 350 -24.22 24.31 -21.89
CA GLN B 350 -25.45 25.09 -21.65
C GLN B 350 -25.69 26.14 -22.74
N ASN B 351 -24.60 26.71 -23.25
CA ASN B 351 -24.65 27.64 -24.35
C ASN B 351 -25.33 27.06 -25.59
N ILE B 352 -24.96 25.84 -25.94
CA ILE B 352 -25.56 25.14 -27.08
C ILE B 352 -26.88 24.47 -26.70
N LYS B 353 -27.10 24.26 -25.40
CA LYS B 353 -28.38 23.77 -24.92
C LYS B 353 -29.40 24.88 -25.07
N GLN B 354 -28.95 26.11 -24.87
CA GLN B 354 -29.75 27.31 -25.06
C GLN B 354 -30.09 27.52 -26.55
N THR B 355 -29.07 27.47 -27.40
CA THR B 355 -29.23 27.55 -28.85
C THR B 355 -30.26 26.53 -29.36
N ASN B 356 -30.04 25.26 -29.03
CA ASN B 356 -30.91 24.18 -29.48
C ASN B 356 -32.32 24.28 -28.91
N SER B 357 -32.45 24.84 -27.71
CA SER B 357 -33.75 25.06 -27.10
C SER B 357 -34.59 26.04 -27.92
N ALA B 358 -33.95 27.13 -28.35
CA ALA B 358 -34.60 28.17 -29.16
C ALA B 358 -34.97 27.66 -30.55
N LEU B 359 -34.04 26.98 -31.20
CA LEU B 359 -34.28 26.38 -32.53
C LEU B 359 -35.40 25.36 -32.51
N LYS B 360 -35.57 24.66 -31.39
CA LYS B 360 -36.64 23.68 -31.22
C LYS B 360 -38.00 24.35 -31.18
N GLU B 361 -38.06 25.55 -30.61
CA GLU B 361 -39.32 26.27 -30.51
C GLU B 361 -39.75 26.91 -31.83
N LYS B 362 -38.80 27.22 -32.69
CA LYS B 362 -39.10 27.63 -34.07
C LYS B 362 -39.83 26.51 -34.79
N LEU B 363 -39.32 25.28 -34.66
CA LEU B 363 -39.93 24.12 -35.29
C LEU B 363 -41.22 23.66 -34.61
N ASP B 364 -41.79 24.52 -33.77
CA ASP B 364 -43.04 24.17 -33.08
C ASP B 364 -44.21 24.14 -34.05
N GLY B 365 -45.03 23.09 -33.92
CA GLY B 365 -46.16 22.85 -34.82
C GLY B 365 -45.84 21.79 -35.85
N GLY B 366 -44.60 21.30 -35.83
CA GLY B 366 -44.12 20.34 -36.83
C GLY B 366 -44.25 20.90 -38.23
N ILE B 367 -44.70 20.05 -39.15
CA ILE B 367 -45.06 20.50 -40.50
C ILE B 367 -46.47 20.02 -40.87
N GLU B 368 -47.33 19.92 -39.85
CA GLU B 368 -48.67 19.35 -40.01
C GLU B 368 -49.63 20.23 -40.82
N PRO B 369 -49.46 21.57 -40.78
CA PRO B 369 -50.27 22.41 -41.68
C PRO B 369 -49.83 22.33 -43.15
N TYR B 370 -48.91 21.43 -43.47
CA TYR B 370 -48.33 21.40 -44.81
C TYR B 370 -48.38 20.02 -45.46
N ARG B 371 -49.00 19.08 -44.76
CA ARG B 371 -49.02 17.68 -45.21
C ARG B 371 -50.14 17.40 -46.20
N LEU B 372 -49.78 16.86 -47.36
CA LEU B 372 -50.75 16.56 -48.41
C LEU B 372 -51.19 15.10 -48.34
N PRO B 373 -52.52 14.87 -48.28
CA PRO B 373 -53.15 13.55 -48.19
C PRO B 373 -52.68 12.52 -49.24
N GLU B 374 -52.95 11.25 -48.97
CA GLU B 374 -52.49 10.12 -49.76
C GLU B 374 -53.27 9.95 -51.07
N VAL B 375 -52.56 9.80 -52.18
CA VAL B 375 -53.17 9.61 -53.50
C VAL B 375 -52.86 8.21 -54.05
N ILE B 376 -53.52 7.19 -53.51
CA ILE B 376 -53.31 5.80 -53.96
C ILE B 376 -54.05 5.57 -55.27
N GLN B 377 -53.32 5.69 -56.38
CA GLN B 377 -53.89 5.50 -57.71
C GLN B 377 -53.19 4.39 -58.47
N LYS B 378 -53.97 3.54 -59.12
CA LYS B 378 -53.46 2.32 -59.75
C LYS B 378 -52.67 2.58 -61.03
N CYS B 379 -51.46 2.03 -61.05
CA CYS B 379 -50.54 2.13 -62.18
C CYS B 379 -51.23 1.63 -63.45
N ASN B 380 -51.13 2.42 -64.52
CA ASN B 380 -51.86 2.14 -65.75
C ASN B 380 -50.94 1.78 -66.93
N ALA B 381 -51.51 1.09 -67.91
CA ALA B 381 -50.77 0.72 -69.11
C ALA B 381 -50.74 1.84 -70.14
N ARG B 382 -51.86 2.53 -70.30
CA ARG B 382 -52.07 3.49 -71.40
C ARG B 382 -51.44 4.87 -71.20
N TRP B 383 -50.90 5.41 -72.28
CA TRP B 383 -50.32 6.75 -72.30
C TRP B 383 -51.26 7.74 -72.92
N THR B 384 -52.06 8.42 -72.10
CA THR B 384 -52.93 9.47 -72.61
C THR B 384 -52.09 10.66 -73.06
N THR B 385 -52.58 11.38 -74.07
CA THR B 385 -51.90 12.56 -74.60
C THR B 385 -51.52 13.48 -73.44
N GLU B 386 -52.44 13.67 -72.50
CA GLU B 386 -52.21 14.44 -71.30
C GLU B 386 -50.97 13.94 -70.55
N GLU B 387 -50.97 12.64 -70.24
CA GLU B 387 -49.88 12.00 -69.50
C GLU B 387 -48.54 12.15 -70.23
N GLN B 388 -48.57 12.04 -71.54
CA GLN B 388 -47.39 12.25 -72.38
C GLN B 388 -46.82 13.66 -72.24
N LEU B 389 -47.71 14.64 -72.14
CA LEU B 389 -47.30 16.03 -72.03
C LEU B 389 -46.73 16.32 -70.65
N LEU B 390 -47.42 15.89 -69.61
CA LEU B 390 -46.87 15.92 -68.26
C LEU B 390 -45.43 15.37 -68.27
N ALA B 391 -45.27 14.19 -68.86
CA ALA B 391 -43.96 13.56 -69.03
C ALA B 391 -42.91 14.51 -69.61
N VAL B 392 -43.09 14.92 -70.86
CA VAL B 392 -42.14 15.82 -71.52
C VAL B 392 -41.72 17.00 -70.63
N GLN B 393 -42.68 17.59 -69.94
CA GLN B 393 -42.41 18.75 -69.09
C GLN B 393 -41.59 18.34 -67.88
N ALA B 394 -41.93 17.16 -67.32
CA ALA B 394 -41.24 16.62 -66.15
C ALA B 394 -39.77 16.32 -66.48
N ILE B 395 -39.54 15.79 -67.68
CA ILE B 395 -38.18 15.58 -68.17
C ILE B 395 -37.40 16.89 -68.17
N ARG B 396 -37.99 17.93 -68.75
CA ARG B 396 -37.38 19.26 -68.79
C ARG B 396 -37.05 19.78 -67.38
N LYS B 397 -37.80 19.30 -66.38
CA LYS B 397 -37.63 19.74 -65.01
C LYS B 397 -36.84 18.77 -64.14
N TYR B 398 -36.84 17.48 -64.48
CA TYR B 398 -36.21 16.48 -63.61
C TYR B 398 -35.08 15.66 -64.22
N GLY B 399 -34.95 15.73 -65.55
CA GLY B 399 -33.87 15.06 -66.27
C GLY B 399 -33.99 13.56 -66.31
N ARG B 400 -33.20 12.89 -65.49
CA ARG B 400 -33.18 11.43 -65.45
C ARG B 400 -33.87 10.84 -64.22
N ASP B 401 -34.29 11.69 -63.29
CA ASP B 401 -34.96 11.19 -62.10
C ASP B 401 -36.30 10.55 -62.48
N PHE B 402 -36.23 9.27 -62.82
CA PHE B 402 -37.39 8.50 -63.24
C PHE B 402 -38.39 8.35 -62.10
N GLN B 403 -37.90 8.47 -60.86
CA GLN B 403 -38.76 8.34 -59.69
C GLN B 403 -39.66 9.56 -59.55
N ALA B 404 -39.07 10.75 -59.63
CA ALA B 404 -39.81 12.02 -59.62
C ALA B 404 -40.77 12.09 -60.80
N ILE B 405 -40.28 11.78 -62.00
CA ILE B 405 -41.11 11.78 -63.19
C ILE B 405 -42.30 10.83 -63.03
N SER B 406 -42.04 9.62 -62.53
CA SER B 406 -43.09 8.66 -62.20
C SER B 406 -44.08 9.20 -61.18
N ASP B 407 -43.57 9.96 -60.21
CA ASP B 407 -44.41 10.53 -59.16
C ASP B 407 -45.31 11.64 -59.70
N VAL B 408 -44.78 12.44 -60.62
CA VAL B 408 -45.52 13.54 -61.25
C VAL B 408 -46.71 13.02 -62.04
N ILE B 409 -46.47 12.09 -62.95
CA ILE B 409 -47.53 11.51 -63.77
C ILE B 409 -48.55 10.74 -62.92
N GLY B 410 -48.08 10.08 -61.87
CA GLY B 410 -48.96 9.48 -60.87
C GLY B 410 -49.38 8.04 -61.12
N ASN B 411 -49.59 7.69 -62.39
CA ASN B 411 -49.96 6.32 -62.76
C ASN B 411 -49.02 5.68 -63.79
N LYS B 412 -47.72 5.92 -63.63
CA LYS B 412 -46.72 5.26 -64.45
C LYS B 412 -45.58 4.72 -63.59
N SER B 413 -45.25 3.45 -63.80
CA SER B 413 -44.15 2.80 -63.08
C SER B 413 -42.82 3.38 -63.51
N VAL B 414 -41.87 3.35 -62.58
CA VAL B 414 -40.54 3.93 -62.77
C VAL B 414 -39.85 3.43 -64.05
N VAL B 415 -40.28 2.26 -64.51
CA VAL B 415 -39.72 1.64 -65.71
C VAL B 415 -40.51 2.07 -66.96
N GLN B 416 -41.83 2.12 -66.86
CA GLN B 416 -42.67 2.63 -67.95
C GLN B 416 -42.13 3.96 -68.41
N VAL B 417 -41.68 4.75 -67.44
CA VAL B 417 -41.02 6.03 -67.67
C VAL B 417 -39.76 5.87 -68.52
N LYS B 418 -38.91 4.91 -68.13
CA LYS B 418 -37.68 4.62 -68.87
C LYS B 418 -37.98 4.09 -70.26
N ASN B 419 -39.07 3.34 -70.38
CA ASN B 419 -39.56 2.85 -71.67
C ASN B 419 -39.96 4.00 -72.57
N PHE B 420 -40.85 4.84 -72.04
CA PHE B 420 -41.27 6.08 -72.67
C PHE B 420 -40.06 6.82 -73.22
N PHE B 421 -39.01 6.92 -72.40
CA PHE B 421 -37.76 7.58 -72.78
C PHE B 421 -37.23 7.07 -74.10
N VAL B 422 -37.41 5.78 -74.36
CA VAL B 422 -36.88 5.17 -75.57
C VAL B 422 -37.93 5.10 -76.67
N ASN B 423 -39.20 4.98 -76.27
CA ASN B 423 -40.30 4.84 -77.23
C ASN B 423 -40.52 6.09 -78.09
N TYR B 424 -40.75 7.22 -77.43
CA TYR B 424 -41.05 8.47 -78.13
C TYR B 424 -39.78 9.31 -78.22
N ARG B 425 -38.64 8.65 -78.14
CA ARG B 425 -37.33 9.30 -78.08
C ARG B 425 -37.14 10.36 -79.16
N ARG B 426 -37.49 10.01 -80.40
CA ARG B 426 -37.28 10.92 -81.52
C ARG B 426 -38.42 11.91 -81.70
N ARG B 427 -39.65 11.44 -81.41
CA ARG B 427 -40.86 12.23 -81.59
C ARG B 427 -41.02 13.36 -80.58
N PHE B 428 -40.41 13.21 -79.41
CA PHE B 428 -40.41 14.26 -78.40
C PHE B 428 -38.99 14.84 -78.18
N ASN B 429 -38.18 14.82 -79.24
CA ASN B 429 -36.79 15.29 -79.21
C ASN B 429 -36.13 15.24 -77.84
N ILE B 430 -36.33 14.14 -77.13
CA ILE B 430 -35.89 13.99 -75.74
C ILE B 430 -34.38 14.23 -75.59
N ASP B 431 -33.67 14.11 -76.71
CA ASP B 431 -32.28 14.54 -76.82
C ASP B 431 -32.15 16.00 -76.38
N GLU B 432 -32.77 16.89 -77.18
CA GLU B 432 -32.77 18.32 -76.91
C GLU B 432 -33.33 18.61 -75.53
N VAL B 433 -34.48 18.00 -75.24
CA VAL B 433 -35.17 18.21 -73.96
C VAL B 433 -34.25 17.92 -72.78
N LEU B 434 -33.41 16.90 -72.92
CA LEU B 434 -32.50 16.53 -71.85
C LEU B 434 -31.28 17.45 -71.75
N GLN B 435 -30.78 17.92 -72.90
CA GLN B 435 -29.60 18.77 -72.89
C GLN B 435 -29.91 20.20 -72.44
N GLU B 436 -31.19 20.57 -72.48
CA GLU B 436 -31.63 21.86 -71.94
C GLU B 436 -31.75 21.79 -70.43
N TRP B 437 -32.12 20.61 -69.92
CA TRP B 437 -32.16 20.35 -68.48
C TRP B 437 -30.78 20.37 -67.89
N GLU B 438 -29.81 19.87 -68.66
CA GLU B 438 -28.41 19.91 -68.27
C GLU B 438 -27.87 21.36 -68.20
N ALA B 439 -28.42 22.22 -69.05
CA ALA B 439 -28.05 23.63 -69.07
C ALA B 439 -28.59 24.43 -67.86
N GLU B 440 -28.85 23.73 -66.75
CA GLU B 440 -29.31 24.34 -65.51
C GLU B 440 -28.63 23.71 -64.30
P D52 C . 17.37 -4.67 21.87
N1 D52 C . 8.66 -6.04 19.22
C2 D52 C . 7.87 -7.15 19.23
O2 D52 C . 8.36 -8.28 19.01
N3 D52 C . 6.56 -7.08 19.50
C4 D52 C . 5.96 -5.96 19.93
O4 D52 C . 4.71 -5.92 20.00
N5 D52 C . 6.09 -3.34 19.99
C6 D52 C . 6.44 -1.25 21.08
C7 D52 C . 7.28 -0.21 21.48
C8 D52 C . 8.74 -0.30 21.21
C9 D52 C . 9.25 -1.42 20.54
PA D52 C . 16.95 -2.58 23.78
C1' D52 C . 10.36 -3.68 19.05
C10 D52 C . 8.15 -4.80 19.44
N10 D52 C . 8.93 -3.61 19.43
N1A D52 C . 25.03 2.36 28.71
O1A D52 C . 16.82 -1.07 23.65
C1B D52 C . 20.62 0.05 27.29
O1P D52 C . 17.88 -4.67 20.44
C2' D52 C . 11.18 -4.38 20.13
O2' D52 C . 10.69 -4.01 21.43
C2A D52 C . 24.48 1.19 29.14
O2A D52 C . 15.80 -3.45 24.28
C2B D52 C . 19.14 0.32 27.24
O2B D52 C . 18.71 0.92 28.46
O2P D52 C . 18.01 -5.58 22.90
C3' D52 C . 12.67 -4.05 20.07
O3' D52 C . 13.18 -4.40 18.78
N3A D52 C . 23.31 0.72 28.68
C3B D52 C . 18.60 -1.08 26.99
O3B D52 C . 18.35 -1.82 28.19
O3P D52 C . 17.48 -3.13 22.36
C4' D52 C . 13.48 -4.81 21.12
O4' D52 C . 12.83 -4.80 22.41
C4A D52 C . 22.61 1.43 27.73
C4B D52 C . 19.72 -1.79 26.25
O4B D52 C . 20.82 -0.87 26.24
C4X D52 C . 6.70 -4.68 19.74
C5' D52 C . 14.87 -4.20 21.20
O5' D52 C . 15.80 -5.03 21.90
C5A D52 C . 23.15 2.71 27.22
C5B D52 C . 19.35 -2.13 24.83
O5B D52 C . 18.14 -2.89 24.81
C5X D52 C . 6.94 -2.36 20.41
C6A D52 C . 24.44 3.15 27.78
N6A D52 C . 24.97 4.31 27.36
N7A D52 C . 22.28 3.19 26.30
C7M D52 C . 6.70 0.98 22.20
C8A D52 C . 21.26 2.30 26.23
C8M D52 C . 9.65 0.81 21.66
C9A D52 C . 8.42 -2.46 20.11
N9A D52 C . 21.46 1.25 27.08
NAA D52 C . 6.01 -1.78 18.44
CAB D52 C . 1.99 -4.95 13.86
CAC D52 C . 1.39 -1.84 20.21
CAD D52 C . 1.82 -5.06 15.25
CAE D52 C . 2.99 -4.13 13.33
CAF D52 C . 2.34 -0.87 19.87
CAG D52 C . 1.74 -3.19 20.08
CAH D52 C . 2.65 -4.35 16.12
CAI D52 C . 3.85 -3.42 14.20
CAJ D52 C . 3.59 -1.25 19.41
CAK D52 C . 3.01 -3.56 19.64
CAL D52 C . 4.52 -2.82 16.41
CAM D52 C . 5.06 -3.75 17.51
CAN D52 C . 3.67 -3.53 15.58
CAO D52 C . 3.97 -2.60 19.29
CAP D52 C . 5.25 -2.97 18.83
#